data_2ELZ
#
_entry.id   2ELZ
#
loop_
_entity.id
_entity.type
_entity.pdbx_description
1 polymer 'Zinc finger protein 224'
2 non-polymer 'ZINC ION'
#
_entity_poly.entity_id   1
_entity_poly.type   'polypeptide(L)'
_entity_poly.pdbx_seq_one_letter_code
;GSSGSSGSVEKPYKCEDCGKGYNRRLNLDMHQRVHMGEKTSGPSSG
;
_entity_poly.pdbx_strand_id   A
#
loop_
_chem_comp.id
_chem_comp.type
_chem_comp.name
_chem_comp.formula
ZN non-polymer 'ZINC ION' 'Zn 2'
#
# COMPACT_ATOMS: atom_id res chain seq x y z
N GLY A 1 23.88 -4.18 14.02
CA GLY A 1 23.72 -5.62 14.10
C GLY A 1 23.49 -6.27 12.75
N SER A 2 22.46 -7.10 12.66
CA SER A 2 22.13 -7.78 11.42
C SER A 2 20.62 -7.89 11.25
N SER A 3 20.11 -7.39 10.12
CA SER A 3 18.68 -7.44 9.84
C SER A 3 18.38 -8.42 8.71
N GLY A 4 17.11 -8.78 8.57
CA GLY A 4 16.72 -9.70 7.52
C GLY A 4 15.23 -9.65 7.22
N SER A 5 14.43 -9.88 8.26
CA SER A 5 12.97 -9.86 8.11
C SER A 5 12.54 -8.79 7.12
N SER A 6 13.09 -7.59 7.27
CA SER A 6 12.76 -6.47 6.39
C SER A 6 12.72 -6.93 4.94
N GLY A 7 12.02 -6.17 4.11
CA GLY A 7 11.92 -6.50 2.70
C GLY A 7 10.89 -7.59 2.42
N SER A 8 9.62 -7.20 2.40
CA SER A 8 8.55 -8.15 2.17
C SER A 8 7.76 -7.78 0.92
N VAL A 9 8.47 -7.34 -0.12
CA VAL A 9 7.85 -6.94 -1.37
C VAL A 9 8.70 -7.35 -2.57
N GLU A 10 8.10 -8.09 -3.49
CA GLU A 10 8.80 -8.55 -4.68
C GLU A 10 7.97 -8.30 -5.94
N LYS A 11 7.21 -7.22 -5.92
CA LYS A 11 6.36 -6.87 -7.06
C LYS A 11 6.89 -5.62 -7.77
N PRO A 12 6.64 -5.55 -9.08
CA PRO A 12 7.09 -4.41 -9.91
C PRO A 12 6.32 -3.13 -9.58
N TYR A 13 5.41 -3.21 -8.62
CA TYR A 13 4.62 -2.05 -8.22
C TYR A 13 4.50 -1.99 -6.69
N LYS A 14 4.44 -0.77 -6.17
CA LYS A 14 4.33 -0.56 -4.73
C LYS A 14 3.67 0.78 -4.43
N CYS A 15 2.79 0.79 -3.43
CA CYS A 15 2.08 2.01 -3.04
C CYS A 15 3.06 3.06 -2.52
N GLU A 16 2.94 4.28 -3.03
CA GLU A 16 3.81 5.37 -2.63
C GLU A 16 3.29 6.03 -1.36
N ASP A 17 2.49 5.29 -0.59
CA ASP A 17 1.92 5.81 0.65
C ASP A 17 2.30 4.92 1.83
N CYS A 18 2.13 3.62 1.67
CA CYS A 18 2.44 2.66 2.72
C CYS A 18 3.64 1.80 2.32
N GLY A 19 3.65 1.35 1.07
CA GLY A 19 4.74 0.53 0.59
C GLY A 19 4.30 -0.90 0.31
N LYS A 20 3.01 -1.08 0.04
CA LYS A 20 2.46 -2.40 -0.26
C LYS A 20 3.01 -2.94 -1.57
N GLY A 21 2.72 -4.20 -1.85
CA GLY A 21 3.19 -4.82 -3.08
C GLY A 21 2.07 -5.39 -3.91
N TYR A 22 2.09 -5.11 -5.21
CA TYR A 22 1.05 -5.60 -6.11
C TYR A 22 1.65 -5.97 -7.47
N ASN A 23 1.39 -7.19 -7.92
CA ASN A 23 1.90 -7.67 -9.19
C ASN A 23 1.00 -7.21 -10.34
N ARG A 24 0.10 -6.29 -10.04
CA ARG A 24 -0.82 -5.77 -11.05
C ARG A 24 -0.98 -4.26 -10.91
N ARG A 25 -1.21 -3.58 -12.04
CA ARG A 25 -1.38 -2.14 -12.04
C ARG A 25 -2.68 -1.74 -11.36
N LEU A 26 -3.80 -2.22 -11.90
CA LEU A 26 -5.11 -1.92 -11.34
C LEU A 26 -5.11 -2.08 -9.82
N ASN A 27 -4.79 -3.29 -9.36
CA ASN A 27 -4.75 -3.57 -7.93
C ASN A 27 -4.24 -2.36 -7.15
N LEU A 28 -3.22 -1.70 -7.68
CA LEU A 28 -2.65 -0.53 -7.03
C LEU A 28 -3.59 0.66 -7.13
N ASP A 29 -3.91 1.05 -8.35
CA ASP A 29 -4.82 2.17 -8.58
C ASP A 29 -6.00 2.13 -7.63
N MET A 30 -6.58 0.94 -7.49
CA MET A 30 -7.74 0.75 -6.61
C MET A 30 -7.30 0.73 -5.14
N HIS A 31 -6.17 0.10 -4.87
CA HIS A 31 -5.64 0.01 -3.51
C HIS A 31 -5.68 1.37 -2.83
N GLN A 32 -5.14 2.38 -3.50
CA GLN A 32 -5.11 3.73 -2.96
C GLN A 32 -6.36 4.00 -2.12
N ARG A 33 -7.48 3.43 -2.53
CA ARG A 33 -8.74 3.62 -1.81
C ARG A 33 -8.51 3.58 -0.31
N VAL A 34 -7.85 2.53 0.16
CA VAL A 34 -7.58 2.37 1.59
C VAL A 34 -7.22 3.71 2.23
N HIS A 35 -6.40 4.49 1.53
CA HIS A 35 -5.98 5.79 2.03
C HIS A 35 -7.00 6.87 1.66
N MET A 36 -8.27 6.57 1.86
CA MET A 36 -9.34 7.51 1.55
C MET A 36 -10.03 7.99 2.83
N GLY A 37 -10.09 7.12 3.82
CA GLY A 37 -10.73 7.48 5.08
C GLY A 37 -9.97 6.94 6.28
N GLU A 38 -10.69 6.71 7.37
CA GLU A 38 -10.09 6.19 8.59
C GLU A 38 -11.09 5.34 9.38
N LYS A 39 -10.65 4.16 9.79
CA LYS A 39 -11.50 3.25 10.56
C LYS A 39 -12.14 3.97 11.74
N THR A 40 -13.47 3.89 11.83
CA THR A 40 -14.20 4.53 12.92
C THR A 40 -14.53 3.54 14.02
N SER A 41 -13.82 3.65 15.14
CA SER A 41 -14.02 2.76 16.27
C SER A 41 -15.36 3.07 16.96
N GLY A 42 -15.56 4.33 17.31
CA GLY A 42 -16.78 4.74 17.97
C GLY A 42 -17.14 3.82 19.12
N PRO A 43 -18.43 3.83 19.50
CA PRO A 43 -18.94 2.99 20.60
C PRO A 43 -18.94 1.52 20.26
N SER A 44 -17.83 0.84 20.52
CA SER A 44 -17.71 -0.58 20.23
C SER A 44 -18.48 -1.41 21.26
N SER A 45 -18.86 -2.63 20.87
CA SER A 45 -19.60 -3.52 21.75
C SER A 45 -18.89 -4.86 21.88
N GLY A 46 -18.51 -5.45 20.75
CA GLY A 46 -17.83 -6.72 20.76
C GLY A 46 -16.34 -6.59 21.07
ZN ZN B . -1.16 1.98 0.19
N GLY A 1 9.03 3.69 15.44
CA GLY A 1 9.67 3.01 14.33
C GLY A 1 9.20 3.52 12.98
N SER A 2 9.89 3.10 11.92
CA SER A 2 9.53 3.53 10.58
C SER A 2 9.25 2.33 9.68
N SER A 3 10.13 1.33 9.76
CA SER A 3 9.97 0.12 8.95
C SER A 3 8.67 -0.59 9.28
N GLY A 4 8.05 -1.17 8.26
CA GLY A 4 6.79 -1.88 8.46
C GLY A 4 6.99 -3.21 9.15
N SER A 5 6.59 -4.29 8.49
CA SER A 5 6.71 -5.64 9.05
C SER A 5 7.82 -6.41 8.35
N SER A 6 8.44 -7.34 9.08
CA SER A 6 9.51 -8.15 8.53
C SER A 6 9.08 -8.81 7.21
N GLY A 7 9.46 -8.20 6.10
CA GLY A 7 9.11 -8.73 4.79
C GLY A 7 9.58 -7.85 3.65
N SER A 8 10.15 -8.46 2.63
CA SER A 8 10.66 -7.72 1.48
C SER A 8 9.65 -7.77 0.33
N VAL A 9 9.68 -6.74 -0.51
CA VAL A 9 8.78 -6.66 -1.65
C VAL A 9 9.49 -7.05 -2.95
N GLU A 10 8.82 -7.83 -3.78
CA GLU A 10 9.39 -8.27 -5.05
C GLU A 10 8.38 -8.10 -6.18
N LYS A 11 7.55 -7.08 -6.07
CA LYS A 11 6.54 -6.80 -7.09
C LYS A 11 6.92 -5.57 -7.92
N PRO A 12 6.43 -5.52 -9.16
CA PRO A 12 6.71 -4.41 -10.07
C PRO A 12 6.04 -3.11 -9.65
N TYR A 13 4.84 -3.24 -9.08
CA TYR A 13 4.08 -2.08 -8.62
C TYR A 13 4.10 -1.97 -7.11
N LYS A 14 4.28 -0.76 -6.60
CA LYS A 14 4.33 -0.52 -5.16
C LYS A 14 3.54 0.72 -4.80
N CYS A 15 3.07 0.77 -3.56
CA CYS A 15 2.29 1.92 -3.08
C CYS A 15 3.21 3.02 -2.59
N GLU A 16 2.66 4.23 -2.46
CA GLU A 16 3.43 5.38 -2.00
C GLU A 16 3.10 5.72 -0.55
N ASP A 17 1.86 5.45 -0.16
CA ASP A 17 1.41 5.72 1.20
C ASP A 17 2.08 4.78 2.19
N CYS A 18 1.81 3.50 2.06
CA CYS A 18 2.39 2.49 2.95
C CYS A 18 3.64 1.87 2.32
N GLY A 19 3.52 1.46 1.07
CA GLY A 19 4.66 0.86 0.38
C GLY A 19 4.41 -0.58 0.01
N LYS A 20 3.14 -1.00 0.06
CA LYS A 20 2.77 -2.37 -0.27
C LYS A 20 3.02 -2.67 -1.75
N GLY A 21 3.31 -3.93 -2.05
CA GLY A 21 3.56 -4.32 -3.44
C GLY A 21 2.39 -5.05 -4.06
N TYR A 22 2.24 -4.91 -5.37
CA TYR A 22 1.16 -5.56 -6.09
C TYR A 22 1.62 -6.03 -7.46
N ASN A 23 1.17 -7.23 -7.85
CA ASN A 23 1.54 -7.80 -9.14
C ASN A 23 0.52 -7.40 -10.22
N ARG A 24 -0.11 -6.24 -10.03
CA ARG A 24 -1.09 -5.75 -10.99
C ARG A 24 -1.32 -4.25 -10.81
N ARG A 25 -1.04 -3.50 -11.87
CA ARG A 25 -1.21 -2.06 -11.84
C ARG A 25 -2.57 -1.67 -11.25
N LEU A 26 -3.61 -2.35 -11.70
CA LEU A 26 -4.96 -2.08 -11.22
C LEU A 26 -5.05 -2.29 -9.71
N ASN A 27 -4.65 -3.48 -9.25
CA ASN A 27 -4.69 -3.80 -7.84
C ASN A 27 -4.14 -2.65 -7.00
N LEU A 28 -3.11 -1.99 -7.52
CA LEU A 28 -2.50 -0.86 -6.82
C LEU A 28 -3.42 0.37 -6.86
N ASP A 29 -3.65 0.88 -8.07
CA ASP A 29 -4.51 2.05 -8.24
C ASP A 29 -5.69 2.02 -7.27
N MET A 30 -6.46 0.95 -7.33
CA MET A 30 -7.63 0.80 -6.46
C MET A 30 -7.20 0.79 -4.99
N HIS A 31 -6.20 -0.02 -4.68
CA HIS A 31 -5.70 -0.12 -3.31
C HIS A 31 -5.47 1.26 -2.71
N GLN A 32 -4.87 2.15 -3.49
CA GLN A 32 -4.59 3.51 -3.03
C GLN A 32 -5.79 4.08 -2.28
N ARG A 33 -6.96 3.99 -2.90
CA ARG A 33 -8.19 4.50 -2.29
C ARG A 33 -8.32 4.01 -0.85
N VAL A 34 -7.89 2.78 -0.60
CA VAL A 34 -7.96 2.21 0.73
C VAL A 34 -7.63 3.24 1.81
N HIS A 35 -6.53 3.97 1.59
CA HIS A 35 -6.11 5.00 2.53
C HIS A 35 -7.12 6.14 2.59
N MET A 36 -7.44 6.69 1.42
CA MET A 36 -8.40 7.78 1.34
C MET A 36 -9.51 7.63 2.36
N GLY A 37 -9.46 8.44 3.41
CA GLY A 37 -10.48 8.37 4.45
C GLY A 37 -11.20 9.69 4.65
N GLU A 38 -11.14 10.22 5.87
CA GLU A 38 -11.79 11.48 6.18
C GLU A 38 -11.42 12.55 5.16
N LYS A 39 -12.45 13.17 4.57
CA LYS A 39 -12.24 14.21 3.58
C LYS A 39 -11.83 15.53 4.25
N THR A 40 -10.92 16.25 3.60
CA THR A 40 -10.45 17.53 4.13
C THR A 40 -11.59 18.54 4.22
N SER A 41 -12.16 18.66 5.42
CA SER A 41 -13.26 19.59 5.65
C SER A 41 -13.16 20.22 7.03
N GLY A 42 -13.51 21.50 7.12
CA GLY A 42 -13.45 22.20 8.39
C GLY A 42 -14.21 21.47 9.49
N PRO A 43 -15.55 21.57 9.44
CA PRO A 43 -16.42 20.92 10.43
C PRO A 43 -16.42 19.41 10.29
N SER A 44 -17.22 18.74 11.14
CA SER A 44 -17.31 17.28 11.11
C SER A 44 -18.69 16.84 10.64
N SER A 45 -18.76 15.62 10.11
CA SER A 45 -20.02 15.07 9.62
C SER A 45 -20.23 13.64 10.12
N GLY A 46 -21.39 13.38 10.70
CA GLY A 46 -21.68 12.05 11.20
C GLY A 46 -20.89 11.72 12.45
ZN ZN B . -1.06 1.64 0.18
N GLY A 1 5.39 1.29 15.70
CA GLY A 1 5.00 0.96 14.34
C GLY A 1 5.89 -0.11 13.73
N SER A 2 5.32 -0.90 12.83
CA SER A 2 6.08 -1.97 12.18
C SER A 2 5.50 -2.25 10.79
N SER A 3 6.40 -2.44 9.82
CA SER A 3 6.00 -2.72 8.44
C SER A 3 6.96 -3.69 7.78
N GLY A 4 6.53 -4.26 6.65
CA GLY A 4 7.36 -5.21 5.94
C GLY A 4 8.67 -4.59 5.49
N SER A 5 9.75 -5.39 5.55
CA SER A 5 11.06 -4.92 5.15
C SER A 5 11.72 -5.88 4.18
N SER A 6 11.97 -7.11 4.64
CA SER A 6 12.60 -8.12 3.81
C SER A 6 11.55 -9.02 3.17
N GLY A 7 11.82 -9.46 1.94
CA GLY A 7 10.88 -10.32 1.24
C GLY A 7 9.44 -9.97 1.54
N SER A 8 9.04 -8.75 1.18
CA SER A 8 7.67 -8.30 1.42
C SER A 8 7.09 -7.66 0.17
N VAL A 9 7.94 -7.00 -0.61
CA VAL A 9 7.50 -6.36 -1.84
C VAL A 9 8.46 -6.66 -2.99
N GLU A 10 8.08 -7.64 -3.82
CA GLU A 10 8.91 -8.03 -4.96
C GLU A 10 8.16 -7.83 -6.26
N LYS A 11 7.28 -6.83 -6.29
CA LYS A 11 6.50 -6.52 -7.48
C LYS A 11 6.97 -5.22 -8.13
N PRO A 12 6.74 -5.11 -9.45
CA PRO A 12 7.14 -3.92 -10.21
C PRO A 12 6.28 -2.70 -9.85
N TYR A 13 5.23 -2.92 -9.09
CA TYR A 13 4.33 -1.85 -8.68
C TYR A 13 4.11 -1.86 -7.17
N LYS A 14 4.48 -0.76 -6.52
CA LYS A 14 4.32 -0.66 -5.07
C LYS A 14 3.50 0.58 -4.72
N CYS A 15 2.99 0.61 -3.49
CA CYS A 15 2.18 1.73 -3.02
C CYS A 15 3.05 2.80 -2.39
N GLU A 16 2.85 4.04 -2.80
CA GLU A 16 3.64 5.17 -2.28
C GLU A 16 2.91 5.81 -1.09
N ASP A 17 1.88 5.14 -0.60
CA ASP A 17 1.11 5.64 0.54
C ASP A 17 1.44 4.86 1.80
N CYS A 18 1.77 3.59 1.63
CA CYS A 18 2.10 2.73 2.77
C CYS A 18 3.35 1.91 2.48
N GLY A 19 3.36 1.22 1.33
CA GLY A 19 4.50 0.41 0.96
C GLY A 19 4.11 -1.02 0.61
N LYS A 20 2.92 -1.18 0.05
CA LYS A 20 2.42 -2.49 -0.34
C LYS A 20 2.77 -2.79 -1.80
N GLY A 21 3.05 -4.06 -2.08
CA GLY A 21 3.38 -4.46 -3.45
C GLY A 21 2.24 -5.18 -4.13
N TYR A 22 2.18 -5.06 -5.45
CA TYR A 22 1.13 -5.72 -6.23
C TYR A 22 1.65 -6.14 -7.59
N ASN A 23 1.35 -7.38 -7.98
CA ASN A 23 1.78 -7.91 -9.26
C ASN A 23 1.20 -7.09 -10.41
N ARG A 24 0.03 -6.50 -10.19
CA ARG A 24 -0.61 -5.69 -11.20
C ARG A 24 -0.80 -4.25 -10.72
N ARG A 25 -0.92 -3.32 -11.66
CA ARG A 25 -1.10 -1.92 -11.33
C ARG A 25 -2.55 -1.63 -10.97
N LEU A 26 -3.47 -2.19 -11.75
CA LEU A 26 -4.90 -1.98 -11.51
C LEU A 26 -5.24 -2.18 -10.05
N ASN A 27 -4.85 -3.33 -9.50
CA ASN A 27 -5.12 -3.65 -8.10
C ASN A 27 -4.55 -2.57 -7.19
N LEU A 28 -3.30 -2.18 -7.44
CA LEU A 28 -2.64 -1.16 -6.63
C LEU A 28 -3.47 0.12 -6.58
N ASP A 29 -3.80 0.66 -7.75
CA ASP A 29 -4.60 1.87 -7.84
C ASP A 29 -5.88 1.74 -7.02
N MET A 30 -6.57 0.62 -7.19
CA MET A 30 -7.81 0.36 -6.47
C MET A 30 -7.55 0.22 -4.98
N HIS A 31 -6.29 0.08 -4.61
CA HIS A 31 -5.92 -0.06 -3.21
C HIS A 31 -5.49 1.28 -2.63
N GLN A 32 -4.94 2.15 -3.48
CA GLN A 32 -4.48 3.47 -3.04
C GLN A 32 -5.65 4.29 -2.50
N ARG A 33 -6.86 3.78 -2.68
CA ARG A 33 -8.06 4.46 -2.20
C ARG A 33 -8.16 4.40 -0.68
N VAL A 34 -7.48 3.42 -0.09
CA VAL A 34 -7.49 3.25 1.36
C VAL A 34 -6.86 4.45 2.06
N HIS A 35 -6.09 5.22 1.31
CA HIS A 35 -5.42 6.40 1.86
C HIS A 35 -6.08 7.68 1.35
N MET A 36 -7.38 7.62 1.09
CA MET A 36 -8.12 8.77 0.60
C MET A 36 -9.33 9.05 1.49
N GLY A 37 -9.10 9.84 2.54
CA GLY A 37 -10.18 10.17 3.46
C GLY A 37 -9.92 9.67 4.87
N GLU A 38 -10.65 10.24 5.83
CA GLU A 38 -10.49 9.85 7.23
C GLU A 38 -11.62 10.42 8.08
N LYS A 39 -11.52 10.22 9.39
CA LYS A 39 -12.53 10.71 10.32
C LYS A 39 -13.93 10.63 9.71
N THR A 40 -14.25 9.46 9.14
CA THR A 40 -15.55 9.25 8.53
C THR A 40 -16.67 9.81 9.39
N SER A 41 -17.78 10.17 8.75
CA SER A 41 -18.92 10.73 9.46
C SER A 41 -18.47 11.71 10.54
N GLY A 42 -17.52 12.56 10.19
CA GLY A 42 -17.00 13.53 11.15
C GLY A 42 -17.21 14.96 10.67
N PRO A 43 -16.19 15.52 10.00
CA PRO A 43 -16.23 16.90 9.49
C PRO A 43 -17.22 17.05 8.33
N SER A 44 -17.36 16.00 7.54
CA SER A 44 -18.26 16.02 6.40
C SER A 44 -18.49 14.60 5.86
N SER A 45 -19.76 14.29 5.58
CA SER A 45 -20.11 12.97 5.07
C SER A 45 -20.67 13.07 3.64
N GLY A 46 -21.67 13.94 3.47
CA GLY A 46 -22.26 14.11 2.15
C GLY A 46 -22.64 12.80 1.51
ZN ZN B . -1.42 1.52 0.06
N GLY A 1 6.71 -3.05 17.21
CA GLY A 1 7.15 -3.78 16.03
C GLY A 1 8.26 -4.77 16.35
N SER A 2 8.45 -5.74 15.45
CA SER A 2 9.47 -6.76 15.64
C SER A 2 9.73 -7.52 14.35
N SER A 3 10.88 -8.17 14.27
CA SER A 3 11.25 -8.94 13.08
C SER A 3 10.29 -10.10 12.87
N GLY A 4 10.28 -10.64 11.65
CA GLY A 4 9.40 -11.75 11.33
C GLY A 4 10.05 -12.74 10.38
N SER A 5 9.32 -13.07 9.31
CA SER A 5 9.83 -14.02 8.32
C SER A 5 10.58 -13.29 7.21
N SER A 6 11.80 -13.75 6.94
CA SER A 6 12.62 -13.14 5.89
C SER A 6 12.14 -13.55 4.51
N GLY A 7 12.00 -12.56 3.63
CA GLY A 7 11.54 -12.84 2.27
C GLY A 7 10.99 -11.61 1.59
N SER A 8 11.89 -10.76 1.10
CA SER A 8 11.49 -9.53 0.42
C SER A 8 10.93 -9.83 -0.97
N VAL A 9 9.67 -9.48 -1.19
CA VAL A 9 9.03 -9.71 -2.47
C VAL A 9 9.33 -8.60 -3.46
N GLU A 10 9.51 -8.96 -4.73
CA GLU A 10 9.82 -8.00 -5.77
C GLU A 10 8.61 -7.74 -6.65
N LYS A 11 8.32 -6.48 -6.92
CA LYS A 11 7.18 -6.09 -7.75
C LYS A 11 7.37 -4.68 -8.29
N PRO A 12 6.87 -4.45 -9.52
CA PRO A 12 6.96 -3.15 -10.18
C PRO A 12 6.07 -2.10 -9.53
N TYR A 13 4.84 -2.50 -9.20
CA TYR A 13 3.88 -1.60 -8.57
C TYR A 13 3.99 -1.67 -7.05
N LYS A 14 3.91 -0.52 -6.40
CA LYS A 14 3.99 -0.45 -4.94
C LYS A 14 3.49 0.89 -4.42
N CYS A 15 2.66 0.85 -3.38
CA CYS A 15 2.11 2.06 -2.80
C CYS A 15 3.22 2.95 -2.23
N GLU A 16 2.88 4.22 -2.00
CA GLU A 16 3.85 5.16 -1.46
C GLU A 16 3.59 5.43 0.02
N ASP A 17 2.32 5.41 0.40
CA ASP A 17 1.94 5.65 1.79
C ASP A 17 2.48 4.55 2.70
N CYS A 18 2.13 3.31 2.40
CA CYS A 18 2.57 2.17 3.19
C CYS A 18 3.73 1.45 2.49
N GLY A 19 3.52 1.10 1.22
CA GLY A 19 4.54 0.40 0.47
C GLY A 19 4.14 -1.01 0.11
N LYS A 20 2.86 -1.21 -0.19
CA LYS A 20 2.35 -2.53 -0.55
C LYS A 20 2.58 -2.81 -2.03
N GLY A 21 3.39 -3.83 -2.32
CA GLY A 21 3.68 -4.19 -3.69
C GLY A 21 2.62 -5.10 -4.28
N TYR A 22 2.49 -5.06 -5.61
CA TYR A 22 1.51 -5.88 -6.29
C TYR A 22 1.99 -6.26 -7.69
N ASN A 23 1.61 -7.45 -8.14
CA ASN A 23 2.01 -7.93 -9.47
C ASN A 23 1.27 -7.18 -10.56
N ARG A 24 -0.03 -6.99 -10.37
CA ARG A 24 -0.85 -6.28 -11.35
C ARG A 24 -0.94 -4.80 -11.02
N ARG A 25 -1.65 -4.05 -11.84
CA ARG A 25 -1.81 -2.61 -11.64
C ARG A 25 -3.11 -2.31 -10.89
N LEU A 26 -4.21 -2.85 -11.39
CA LEU A 26 -5.51 -2.64 -10.77
C LEU A 26 -5.41 -2.66 -9.24
N ASN A 27 -4.77 -3.70 -8.72
CA ASN A 27 -4.59 -3.85 -7.28
C ASN A 27 -4.12 -2.54 -6.66
N LEU A 28 -3.14 -1.91 -7.29
CA LEU A 28 -2.59 -0.65 -6.80
C LEU A 28 -3.55 0.50 -7.09
N ASP A 29 -4.08 0.54 -8.30
CA ASP A 29 -5.01 1.58 -8.71
C ASP A 29 -6.15 1.72 -7.70
N MET A 30 -6.75 0.59 -7.35
CA MET A 30 -7.86 0.59 -6.39
C MET A 30 -7.34 0.81 -4.97
N HIS A 31 -6.34 0.02 -4.57
CA HIS A 31 -5.76 0.13 -3.24
C HIS A 31 -5.50 1.59 -2.88
N GLN A 32 -4.83 2.31 -3.78
CA GLN A 32 -4.51 3.71 -3.56
C GLN A 32 -5.65 4.42 -2.83
N ARG A 33 -6.85 4.31 -3.39
CA ARG A 33 -8.03 4.94 -2.79
C ARG A 33 -8.07 4.68 -1.28
N VAL A 34 -7.81 3.44 -0.89
CA VAL A 34 -7.82 3.06 0.52
C VAL A 34 -7.30 4.19 1.40
N HIS A 35 -6.29 4.89 0.91
CA HIS A 35 -5.70 6.00 1.66
C HIS A 35 -6.42 7.30 1.33
N MET A 36 -7.75 7.28 1.41
CA MET A 36 -8.56 8.46 1.12
C MET A 36 -9.58 8.71 2.23
N GLY A 37 -9.76 9.97 2.59
CA GLY A 37 -10.71 10.31 3.63
C GLY A 37 -11.67 11.40 3.21
N GLU A 38 -12.27 11.24 2.03
CA GLU A 38 -13.21 12.23 1.51
C GLU A 38 -14.64 11.72 1.63
N LYS A 39 -14.88 10.52 1.13
CA LYS A 39 -16.21 9.91 1.18
C LYS A 39 -16.53 9.42 2.58
N THR A 40 -15.60 8.65 3.16
CA THR A 40 -15.79 8.09 4.50
C THR A 40 -14.62 8.49 5.40
N SER A 41 -14.95 8.94 6.61
CA SER A 41 -13.94 9.35 7.58
C SER A 41 -14.02 8.51 8.84
N GLY A 42 -12.87 8.12 9.38
CA GLY A 42 -12.83 7.32 10.58
C GLY A 42 -11.53 7.47 11.34
N PRO A 43 -10.57 6.57 11.05
CA PRO A 43 -9.26 6.58 11.71
C PRO A 43 -8.40 7.77 11.28
N SER A 44 -8.12 8.65 12.23
CA SER A 44 -7.31 9.84 11.95
C SER A 44 -5.83 9.48 11.87
N SER A 45 -5.34 8.82 12.91
CA SER A 45 -3.93 8.42 12.96
C SER A 45 -3.54 7.65 11.70
N GLY A 46 -2.48 8.13 11.04
CA GLY A 46 -2.02 7.47 9.83
C GLY A 46 -1.14 6.27 10.11
ZN ZN B . -1.01 1.87 0.43
N GLY A 1 12.00 -11.57 13.91
CA GLY A 1 11.00 -11.48 12.85
C GLY A 1 9.65 -12.01 13.27
N SER A 2 8.98 -11.29 14.17
CA SER A 2 7.68 -11.70 14.67
C SER A 2 6.62 -11.59 13.56
N SER A 3 6.57 -10.42 12.93
CA SER A 3 5.60 -10.18 11.86
C SER A 3 6.09 -10.78 10.54
N GLY A 4 5.15 -11.09 9.65
CA GLY A 4 5.50 -11.65 8.37
C GLY A 4 5.49 -10.62 7.26
N SER A 5 5.95 -11.03 6.08
CA SER A 5 6.00 -10.13 4.92
C SER A 5 4.83 -10.41 3.97
N SER A 6 4.46 -9.40 3.20
CA SER A 6 3.37 -9.54 2.24
C SER A 6 3.60 -10.72 1.31
N GLY A 7 4.75 -10.72 0.65
CA GLY A 7 5.08 -11.81 -0.27
C GLY A 7 6.57 -12.01 -0.41
N SER A 8 6.96 -13.05 -1.15
CA SER A 8 8.37 -13.35 -1.35
C SER A 8 8.78 -13.11 -2.80
N VAL A 9 8.07 -12.18 -3.46
CA VAL A 9 8.36 -11.84 -4.85
C VAL A 9 8.51 -10.34 -5.03
N GLU A 10 9.43 -9.94 -5.89
CA GLU A 10 9.67 -8.52 -6.16
C GLU A 10 8.66 -7.98 -7.16
N LYS A 11 7.70 -7.21 -6.66
CA LYS A 11 6.66 -6.63 -7.51
C LYS A 11 7.08 -5.23 -7.99
N PRO A 12 6.70 -4.90 -9.23
CA PRO A 12 7.03 -3.61 -9.83
C PRO A 12 6.25 -2.47 -9.19
N TYR A 13 4.93 -2.64 -9.08
CA TYR A 13 4.07 -1.63 -8.49
C TYR A 13 4.15 -1.66 -6.97
N LYS A 14 4.06 -0.50 -6.34
CA LYS A 14 4.12 -0.39 -4.89
C LYS A 14 3.64 0.98 -4.42
N CYS A 15 2.85 1.00 -3.36
CA CYS A 15 2.33 2.24 -2.81
C CYS A 15 3.40 2.97 -2.01
N GLU A 16 3.63 4.24 -2.35
CA GLU A 16 4.63 5.05 -1.68
C GLU A 16 4.09 5.57 -0.35
N ASP A 17 2.79 5.45 -0.16
CA ASP A 17 2.15 5.90 1.08
C ASP A 17 2.39 4.91 2.21
N CYS A 18 2.46 3.63 1.88
CA CYS A 18 2.68 2.59 2.87
C CYS A 18 3.80 1.65 2.43
N GLY A 19 3.82 1.30 1.14
CA GLY A 19 4.83 0.41 0.63
C GLY A 19 4.26 -0.88 0.09
N LYS A 20 2.95 -1.04 0.20
CA LYS A 20 2.28 -2.24 -0.27
C LYS A 20 2.80 -2.66 -1.64
N GLY A 21 2.59 -3.92 -1.99
CA GLY A 21 3.05 -4.42 -3.28
C GLY A 21 1.92 -5.05 -4.08
N TYR A 22 2.04 -4.98 -5.40
CA TYR A 22 1.03 -5.55 -6.29
C TYR A 22 1.64 -5.95 -7.63
N ASN A 23 1.16 -7.06 -8.18
CA ASN A 23 1.66 -7.55 -9.45
C ASN A 23 0.85 -6.99 -10.61
N ARG A 24 -0.36 -6.52 -10.31
CA ARG A 24 -1.23 -5.94 -11.33
C ARG A 24 -1.57 -4.49 -11.01
N ARG A 25 -1.18 -3.59 -11.88
CA ARG A 25 -1.44 -2.17 -11.70
C ARG A 25 -2.80 -1.95 -11.04
N LEU A 26 -3.84 -2.50 -11.65
CA LEU A 26 -5.20 -2.36 -11.13
C LEU A 26 -5.22 -2.60 -9.63
N ASN A 27 -4.68 -3.74 -9.20
CA ASN A 27 -4.65 -4.09 -7.78
C ASN A 27 -4.13 -2.92 -6.95
N LEU A 28 -3.16 -2.19 -7.50
CA LEU A 28 -2.57 -1.05 -6.81
C LEU A 28 -3.49 0.17 -6.92
N ASP A 29 -3.93 0.48 -8.13
CA ASP A 29 -4.81 1.62 -8.36
C ASP A 29 -5.96 1.63 -7.36
N MET A 30 -6.72 0.54 -7.34
CA MET A 30 -7.86 0.42 -6.44
C MET A 30 -7.40 0.52 -4.98
N HIS A 31 -6.22 -0.01 -4.70
CA HIS A 31 -5.67 0.01 -3.35
C HIS A 31 -5.45 1.46 -2.88
N GLN A 32 -5.11 2.33 -3.81
CA GLN A 32 -4.87 3.73 -3.50
C GLN A 32 -6.07 4.34 -2.76
N ARG A 33 -7.26 3.87 -3.11
CA ARG A 33 -8.48 4.37 -2.49
C ARG A 33 -8.55 3.96 -1.03
N VAL A 34 -7.81 2.92 -0.67
CA VAL A 34 -7.78 2.43 0.70
C VAL A 34 -7.44 3.55 1.68
N HIS A 35 -6.73 4.56 1.19
CA HIS A 35 -6.36 5.70 2.02
C HIS A 35 -7.36 6.83 1.89
N MET A 36 -8.63 6.47 1.70
CA MET A 36 -9.69 7.45 1.56
C MET A 36 -10.94 7.01 2.31
N GLY A 37 -11.53 7.94 3.07
CA GLY A 37 -12.72 7.63 3.82
C GLY A 37 -12.44 6.75 5.03
N GLU A 38 -12.08 7.38 6.15
CA GLU A 38 -11.78 6.64 7.37
C GLU A 38 -12.82 6.91 8.44
N LYS A 39 -14.08 6.93 8.04
CA LYS A 39 -15.18 7.19 8.97
C LYS A 39 -14.77 8.22 10.03
N THR A 40 -14.07 9.25 9.60
CA THR A 40 -13.62 10.31 10.49
C THR A 40 -14.69 11.37 10.67
N SER A 41 -14.92 11.80 11.90
CA SER A 41 -15.91 12.82 12.20
C SER A 41 -15.26 14.20 12.28
N GLY A 42 -16.03 15.23 11.92
CA GLY A 42 -15.51 16.58 11.96
C GLY A 42 -16.61 17.63 11.98
N PRO A 43 -17.05 18.04 10.78
CA PRO A 43 -18.11 19.04 10.62
C PRO A 43 -19.47 18.50 11.05
N SER A 44 -19.73 17.25 10.74
CA SER A 44 -21.00 16.61 11.09
C SER A 44 -20.81 15.56 12.17
N SER A 45 -21.64 15.62 13.22
CA SER A 45 -21.55 14.67 14.32
C SER A 45 -21.55 13.24 13.80
N GLY A 46 -20.74 12.40 14.43
CA GLY A 46 -20.66 11.01 14.03
C GLY A 46 -20.28 10.85 12.57
ZN ZN B . -1.17 2.28 0.03
N GLY A 1 16.34 -11.48 20.81
CA GLY A 1 15.85 -12.50 19.90
C GLY A 1 14.76 -11.98 18.99
N SER A 2 15.10 -11.75 17.73
CA SER A 2 14.14 -11.24 16.75
C SER A 2 14.67 -11.42 15.33
N SER A 3 14.02 -12.29 14.57
CA SER A 3 14.43 -12.56 13.20
C SER A 3 13.21 -12.64 12.28
N GLY A 4 13.45 -12.60 10.98
CA GLY A 4 12.37 -12.67 10.01
C GLY A 4 12.37 -13.96 9.23
N SER A 5 11.37 -14.14 8.37
CA SER A 5 11.26 -15.34 7.57
C SER A 5 11.40 -15.02 6.08
N SER A 6 10.72 -13.97 5.63
CA SER A 6 10.78 -13.56 4.24
C SER A 6 11.09 -12.07 4.12
N GLY A 7 11.82 -11.71 3.07
CA GLY A 7 12.18 -10.32 2.86
C GLY A 7 11.04 -9.51 2.28
N SER A 8 11.34 -8.29 1.86
CA SER A 8 10.33 -7.40 1.30
C SER A 8 10.01 -7.79 -0.14
N VAL A 9 8.75 -8.15 -0.40
CA VAL A 9 8.33 -8.55 -1.73
C VAL A 9 9.02 -7.72 -2.80
N GLU A 10 9.14 -8.29 -4.00
CA GLU A 10 9.79 -7.60 -5.11
C GLU A 10 8.84 -7.48 -6.30
N LYS A 11 7.70 -6.85 -6.06
CA LYS A 11 6.70 -6.65 -7.11
C LYS A 11 7.02 -5.43 -7.96
N PRO A 12 6.62 -5.46 -9.23
CA PRO A 12 6.85 -4.35 -10.17
C PRO A 12 6.02 -3.13 -9.83
N TYR A 13 5.17 -3.25 -8.82
CA TYR A 13 4.30 -2.15 -8.40
C TYR A 13 4.28 -2.03 -6.88
N LYS A 14 4.32 -0.79 -6.40
CA LYS A 14 4.30 -0.53 -4.97
C LYS A 14 3.54 0.75 -4.65
N CYS A 15 3.11 0.89 -3.40
CA CYS A 15 2.36 2.07 -2.97
C CYS A 15 3.30 3.13 -2.41
N GLU A 16 2.87 4.39 -2.47
CA GLU A 16 3.67 5.49 -1.95
C GLU A 16 3.22 5.88 -0.54
N ASP A 17 2.00 5.51 -0.19
CA ASP A 17 1.45 5.81 1.12
C ASP A 17 2.05 4.90 2.18
N CYS A 18 2.04 3.60 1.92
CA CYS A 18 2.58 2.62 2.85
C CYS A 18 3.82 1.93 2.26
N GLY A 19 3.65 1.34 1.09
CA GLY A 19 4.75 0.65 0.43
C GLY A 19 4.40 -0.76 0.01
N LYS A 20 3.11 -1.10 0.13
CA LYS A 20 2.64 -2.42 -0.26
C LYS A 20 2.88 -2.68 -1.74
N GLY A 21 3.25 -3.92 -2.06
CA GLY A 21 3.50 -4.27 -3.45
C GLY A 21 2.33 -5.01 -4.08
N TYR A 22 2.24 -4.94 -5.41
CA TYR A 22 1.16 -5.59 -6.13
C TYR A 22 1.66 -6.15 -7.46
N ASN A 23 1.09 -7.28 -7.88
CA ASN A 23 1.48 -7.91 -9.13
C ASN A 23 0.85 -7.20 -10.33
N ARG A 24 -0.39 -6.75 -10.15
CA ARG A 24 -1.11 -6.05 -11.20
C ARG A 24 -1.06 -4.54 -10.98
N ARG A 25 -1.53 -3.78 -11.98
CA ARG A 25 -1.55 -2.33 -11.89
C ARG A 25 -2.84 -1.84 -11.24
N LEU A 26 -3.97 -2.35 -11.74
CA LEU A 26 -5.26 -1.96 -11.20
C LEU A 26 -5.33 -2.19 -9.70
N ASN A 27 -4.62 -3.20 -9.23
CA ASN A 27 -4.59 -3.52 -7.81
C ASN A 27 -3.96 -2.39 -7.00
N LEU A 28 -2.99 -1.72 -7.60
CA LEU A 28 -2.31 -0.61 -6.93
C LEU A 28 -3.21 0.63 -6.87
N ASP A 29 -3.67 1.07 -8.03
CA ASP A 29 -4.54 2.24 -8.11
C ASP A 29 -5.78 2.05 -7.24
N MET A 30 -6.37 0.86 -7.31
CA MET A 30 -7.57 0.55 -6.52
C MET A 30 -7.25 0.53 -5.04
N HIS A 31 -6.07 0.01 -4.70
CA HIS A 31 -5.65 -0.07 -3.30
C HIS A 31 -5.45 1.34 -2.71
N GLN A 32 -4.95 2.25 -3.52
CA GLN A 32 -4.72 3.62 -3.08
C GLN A 32 -5.94 4.17 -2.36
N ARG A 33 -7.13 3.88 -2.90
CA ARG A 33 -8.37 4.35 -2.31
C ARG A 33 -8.51 3.87 -0.87
N VAL A 34 -8.08 2.63 -0.61
CA VAL A 34 -8.14 2.06 0.72
C VAL A 34 -7.83 3.11 1.79
N HIS A 35 -6.75 3.85 1.59
CA HIS A 35 -6.36 4.88 2.53
C HIS A 35 -7.45 5.92 2.70
N MET A 36 -7.82 6.57 1.60
CA MET A 36 -8.87 7.59 1.63
C MET A 36 -10.22 6.97 1.97
N GLY A 37 -10.81 7.40 3.08
CA GLY A 37 -12.09 6.88 3.50
C GLY A 37 -12.64 7.59 4.71
N GLU A 38 -13.39 6.86 5.54
CA GLU A 38 -13.99 7.43 6.74
C GLU A 38 -12.91 7.81 7.75
N LYS A 39 -11.69 7.36 7.50
CA LYS A 39 -10.56 7.64 8.38
C LYS A 39 -9.55 8.54 7.70
N THR A 40 -9.30 9.70 8.30
CA THR A 40 -8.34 10.66 7.74
C THR A 40 -6.96 10.45 8.33
N SER A 41 -6.14 9.66 7.65
CA SER A 41 -4.78 9.38 8.10
C SER A 41 -3.75 9.90 7.10
N GLY A 42 -3.19 11.07 7.40
CA GLY A 42 -2.20 11.66 6.52
C GLY A 42 -0.79 11.19 6.84
N PRO A 43 0.05 11.07 5.79
CA PRO A 43 1.44 10.64 5.95
C PRO A 43 2.30 11.69 6.64
N SER A 44 2.80 11.36 7.83
CA SER A 44 3.64 12.27 8.59
C SER A 44 4.81 12.76 7.75
N SER A 45 5.16 14.03 7.92
CA SER A 45 6.28 14.62 7.17
C SER A 45 7.60 14.33 7.86
N GLY A 46 7.71 14.72 9.13
CA GLY A 46 8.93 14.50 9.88
C GLY A 46 9.95 15.60 9.67
ZN ZN B . -1.07 1.97 0.16
N GLY A 1 -2.19 -6.45 13.55
CA GLY A 1 -1.62 -6.03 12.28
C GLY A 1 -0.52 -6.95 11.80
N SER A 2 0.26 -6.50 10.84
CA SER A 2 1.36 -7.29 10.30
C SER A 2 2.71 -6.61 10.54
N SER A 3 3.53 -7.24 11.37
CA SER A 3 4.84 -6.69 11.70
C SER A 3 5.79 -6.83 10.51
N GLY A 4 5.79 -8.01 9.90
CA GLY A 4 6.65 -8.25 8.76
C GLY A 4 6.86 -9.73 8.48
N SER A 5 6.37 -10.18 7.34
CA SER A 5 6.50 -11.58 6.97
C SER A 5 7.73 -11.81 6.10
N SER A 6 8.17 -13.07 6.01
CA SER A 6 9.34 -13.41 5.22
C SER A 6 9.08 -13.19 3.73
N GLY A 7 9.62 -12.09 3.20
CA GLY A 7 9.43 -11.78 1.80
C GLY A 7 10.74 -11.71 1.03
N SER A 8 10.84 -12.50 -0.04
CA SER A 8 12.06 -12.53 -0.85
C SER A 8 11.78 -11.98 -2.24
N VAL A 9 10.75 -12.50 -2.88
CA VAL A 9 10.38 -12.06 -4.23
C VAL A 9 10.09 -10.57 -4.26
N GLU A 10 10.22 -9.96 -5.44
CA GLU A 10 9.97 -8.53 -5.60
C GLU A 10 8.78 -8.30 -6.53
N LYS A 11 8.26 -7.07 -6.51
CA LYS A 11 7.12 -6.71 -7.35
C LYS A 11 7.40 -5.42 -8.11
N PRO A 12 6.87 -5.33 -9.33
CA PRO A 12 7.03 -4.16 -10.19
C PRO A 12 6.28 -2.94 -9.66
N TYR A 13 5.06 -3.17 -9.18
CA TYR A 13 4.23 -2.09 -8.66
C TYR A 13 4.29 -2.06 -7.14
N LYS A 14 4.04 -0.89 -6.55
CA LYS A 14 4.06 -0.72 -5.11
C LYS A 14 3.45 0.62 -4.71
N CYS A 15 2.63 0.60 -3.66
CA CYS A 15 1.99 1.81 -3.16
C CYS A 15 3.03 2.85 -2.76
N GLU A 16 2.56 4.07 -2.52
CA GLU A 16 3.45 5.16 -2.12
C GLU A 16 3.16 5.60 -0.69
N ASP A 17 1.90 5.47 -0.28
CA ASP A 17 1.49 5.85 1.06
C ASP A 17 2.06 4.90 2.11
N CYS A 18 1.70 3.62 1.98
CA CYS A 18 2.18 2.61 2.91
C CYS A 18 3.44 1.93 2.38
N GLY A 19 3.35 1.39 1.17
CA GLY A 19 4.49 0.73 0.56
C GLY A 19 4.24 -0.75 0.32
N LYS A 20 3.02 -1.07 -0.11
CA LYS A 20 2.65 -2.45 -0.39
C LYS A 20 2.90 -2.81 -1.85
N GLY A 21 3.60 -3.92 -2.08
CA GLY A 21 3.89 -4.35 -3.43
C GLY A 21 2.77 -5.15 -4.03
N TYR A 22 2.58 -5.02 -5.35
CA TYR A 22 1.53 -5.73 -6.05
C TYR A 22 2.03 -6.29 -7.38
N ASN A 23 1.35 -7.31 -7.88
CA ASN A 23 1.73 -7.94 -9.15
C ASN A 23 1.22 -7.13 -10.33
N ARG A 24 -0.05 -6.73 -10.26
CA ARG A 24 -0.67 -5.95 -11.32
C ARG A 24 -0.72 -4.47 -10.95
N ARG A 25 -1.26 -3.65 -11.86
CA ARG A 25 -1.36 -2.22 -11.63
C ARG A 25 -2.72 -1.87 -11.03
N LEU A 26 -3.78 -2.10 -11.80
CA LEU A 26 -5.14 -1.82 -11.35
C LEU A 26 -5.27 -2.05 -9.86
N ASN A 27 -5.02 -3.29 -9.43
CA ASN A 27 -5.12 -3.65 -8.02
C ASN A 27 -4.57 -2.54 -7.14
N LEU A 28 -3.39 -2.02 -7.50
CA LEU A 28 -2.75 -0.96 -6.74
C LEU A 28 -3.57 0.32 -6.80
N ASP A 29 -3.72 0.87 -7.99
CA ASP A 29 -4.49 2.10 -8.19
C ASP A 29 -5.70 2.13 -7.26
N MET A 30 -6.47 1.05 -7.28
CA MET A 30 -7.67 0.94 -6.45
C MET A 30 -7.29 0.89 -4.97
N HIS A 31 -6.36 0.01 -4.63
CA HIS A 31 -5.91 -0.15 -3.25
C HIS A 31 -5.66 1.21 -2.61
N GLN A 32 -4.76 1.99 -3.22
CA GLN A 32 -4.43 3.31 -2.70
C GLN A 32 -5.65 4.00 -2.10
N ARG A 33 -6.78 3.89 -2.79
CA ARG A 33 -8.03 4.49 -2.33
C ARG A 33 -8.17 4.33 -0.81
N VAL A 34 -7.96 3.11 -0.33
CA VAL A 34 -8.07 2.82 1.10
C VAL A 34 -7.61 4.02 1.93
N HIS A 35 -6.52 4.64 1.50
CA HIS A 35 -5.98 5.80 2.21
C HIS A 35 -6.78 7.06 1.89
N MET A 36 -6.86 7.39 0.60
CA MET A 36 -7.60 8.57 0.17
C MET A 36 -9.06 8.50 0.62
N GLY A 37 -9.35 9.12 1.75
CA GLY A 37 -10.71 9.11 2.26
C GLY A 37 -10.76 9.33 3.77
N GLU A 38 -11.66 8.62 4.44
CA GLU A 38 -11.81 8.74 5.88
C GLU A 38 -11.25 7.51 6.59
N LYS A 39 -9.94 7.51 6.84
CA LYS A 39 -9.29 6.40 7.51
C LYS A 39 -8.24 6.91 8.50
N THR A 40 -8.55 6.78 9.80
CA THR A 40 -7.64 7.22 10.84
C THR A 40 -7.14 6.05 11.66
N SER A 41 -5.99 5.50 11.28
CA SER A 41 -5.40 4.37 11.98
C SER A 41 -4.20 4.81 12.81
N GLY A 42 -3.22 5.42 12.15
CA GLY A 42 -2.03 5.88 12.84
C GLY A 42 -0.76 5.31 12.25
N PRO A 43 0.38 5.59 12.90
CA PRO A 43 1.69 5.12 12.44
C PRO A 43 1.85 3.60 12.61
N SER A 44 1.53 3.12 13.80
CA SER A 44 1.63 1.69 14.10
C SER A 44 0.46 1.22 14.95
N SER A 45 0.28 -0.09 15.02
CA SER A 45 -0.81 -0.66 15.80
C SER A 45 -0.26 -1.52 16.94
N GLY A 46 -0.62 -1.15 18.17
CA GLY A 46 -0.15 -1.89 19.33
C GLY A 46 -1.29 -2.44 20.17
ZN ZN B . -1.34 1.65 0.06
N GLY A 1 12.65 -3.83 6.56
CA GLY A 1 13.49 -4.48 5.56
C GLY A 1 14.38 -5.54 6.17
N SER A 2 14.59 -6.63 5.43
CA SER A 2 15.44 -7.73 5.90
C SER A 2 16.71 -7.84 5.06
N SER A 3 17.72 -7.07 5.43
CA SER A 3 18.99 -7.08 4.71
C SER A 3 19.70 -8.42 4.89
N GLY A 4 19.79 -9.18 3.80
CA GLY A 4 20.45 -10.48 3.85
C GLY A 4 19.63 -11.57 3.19
N SER A 5 19.85 -11.75 1.88
CA SER A 5 19.13 -12.77 1.12
C SER A 5 19.78 -12.99 -0.23
N SER A 6 19.93 -14.25 -0.61
CA SER A 6 20.54 -14.61 -1.89
C SER A 6 20.16 -13.60 -2.96
N GLY A 7 18.85 -13.42 -3.16
CA GLY A 7 18.38 -12.48 -4.16
C GLY A 7 16.97 -12.80 -4.63
N SER A 8 16.00 -12.08 -4.09
CA SER A 8 14.60 -12.29 -4.46
C SER A 8 13.91 -10.97 -4.77
N VAL A 9 13.90 -10.60 -6.05
CA VAL A 9 13.29 -9.35 -6.47
C VAL A 9 11.82 -9.30 -6.05
N GLU A 10 11.41 -8.17 -5.49
CA GLU A 10 10.03 -8.00 -5.04
C GLU A 10 9.17 -7.41 -6.16
N LYS A 11 7.86 -7.48 -5.99
CA LYS A 11 6.92 -6.95 -6.97
C LYS A 11 7.41 -5.63 -7.54
N PRO A 12 7.15 -5.39 -8.83
CA PRO A 12 7.55 -4.17 -9.51
C PRO A 12 6.78 -2.94 -9.03
N TYR A 13 5.46 -3.08 -8.96
CA TYR A 13 4.60 -1.99 -8.52
C TYR A 13 4.44 -2.01 -7.00
N LYS A 14 4.13 -0.85 -6.43
CA LYS A 14 3.95 -0.72 -5.00
C LYS A 14 3.30 0.62 -4.64
N CYS A 15 2.60 0.65 -3.51
CA CYS A 15 1.93 1.86 -3.06
C CYS A 15 2.94 2.88 -2.55
N GLU A 16 2.65 4.16 -2.78
CA GLU A 16 3.53 5.24 -2.35
C GLU A 16 3.15 5.74 -0.97
N ASP A 17 2.00 5.29 -0.47
CA ASP A 17 1.51 5.69 0.84
C ASP A 17 2.08 4.79 1.92
N CYS A 18 2.05 3.48 1.68
CA CYS A 18 2.56 2.51 2.63
C CYS A 18 3.80 1.79 2.09
N GLY A 19 3.63 1.14 0.94
CA GLY A 19 4.73 0.43 0.32
C GLY A 19 4.37 -1.00 -0.04
N LYS A 20 3.07 -1.30 -0.05
CA LYS A 20 2.59 -2.64 -0.38
C LYS A 20 2.83 -2.95 -1.86
N GLY A 21 3.47 -4.08 -2.12
CA GLY A 21 3.74 -4.47 -3.49
C GLY A 21 2.56 -5.15 -4.15
N TYR A 22 2.55 -5.15 -5.48
CA TYR A 22 1.45 -5.77 -6.23
C TYR A 22 1.94 -6.27 -7.59
N ASN A 23 1.35 -7.38 -8.05
CA ASN A 23 1.73 -7.96 -9.33
C ASN A 23 1.06 -7.22 -10.48
N ARG A 24 -0.11 -6.64 -10.21
CA ARG A 24 -0.85 -5.91 -11.22
C ARG A 24 -0.80 -4.41 -10.96
N ARG A 25 -1.33 -3.62 -11.89
CA ARG A 25 -1.34 -2.18 -11.76
C ARG A 25 -2.65 -1.70 -11.13
N LEU A 26 -3.77 -2.23 -11.64
CA LEU A 26 -5.08 -1.85 -11.13
C LEU A 26 -5.15 -2.03 -9.61
N ASN A 27 -4.86 -3.24 -9.15
CA ASN A 27 -4.89 -3.54 -7.72
C ASN A 27 -4.39 -2.34 -6.91
N LEU A 28 -3.25 -1.79 -7.31
CA LEU A 28 -2.67 -0.64 -6.62
C LEU A 28 -3.55 0.60 -6.79
N ASP A 29 -3.84 0.94 -8.04
CA ASP A 29 -4.67 2.11 -8.34
C ASP A 29 -5.92 2.11 -7.47
N MET A 30 -6.56 0.95 -7.34
CA MET A 30 -7.76 0.83 -6.53
C MET A 30 -7.42 0.78 -5.04
N HIS A 31 -6.29 0.17 -4.73
CA HIS A 31 -5.85 0.06 -3.34
C HIS A 31 -5.69 1.44 -2.69
N GLN A 32 -5.21 2.39 -3.48
CA GLN A 32 -5.01 3.75 -3.00
C GLN A 32 -6.29 4.30 -2.38
N ARG A 33 -7.40 3.64 -2.65
CA ARG A 33 -8.69 4.06 -2.13
C ARG A 33 -8.70 4.00 -0.60
N VAL A 34 -7.92 3.08 -0.04
CA VAL A 34 -7.83 2.91 1.39
C VAL A 34 -7.30 4.18 2.07
N HIS A 35 -6.48 4.94 1.34
CA HIS A 35 -5.92 6.17 1.85
C HIS A 35 -6.76 7.37 1.45
N MET A 36 -8.08 7.25 1.62
CA MET A 36 -9.00 8.33 1.27
C MET A 36 -9.93 8.64 2.44
N GLY A 37 -9.39 9.30 3.46
CA GLY A 37 -10.20 9.65 4.61
C GLY A 37 -10.10 11.12 4.97
N GLU A 38 -9.19 11.44 5.89
CA GLU A 38 -9.00 12.82 6.31
C GLU A 38 -7.53 13.22 6.23
N LYS A 39 -7.08 13.56 5.02
CA LYS A 39 -5.69 13.95 4.80
C LYS A 39 -4.74 13.14 5.67
N THR A 40 -4.93 11.82 5.68
CA THR A 40 -4.09 10.94 6.48
C THR A 40 -2.86 10.52 5.69
N SER A 41 -1.77 10.26 6.42
CA SER A 41 -0.51 9.85 5.80
C SER A 41 0.51 9.46 6.86
N GLY A 42 1.61 8.85 6.41
CA GLY A 42 2.65 8.42 7.33
C GLY A 42 3.97 8.16 6.62
N PRO A 43 4.66 9.24 6.23
CA PRO A 43 5.95 9.13 5.54
C PRO A 43 7.07 8.63 6.45
N SER A 44 6.80 8.65 7.76
CA SER A 44 7.78 8.19 8.74
C SER A 44 8.43 6.89 8.29
N SER A 45 7.63 5.83 8.22
CA SER A 45 8.12 4.53 7.81
C SER A 45 8.16 4.41 6.29
N GLY A 46 9.03 3.52 5.79
CA GLY A 46 9.14 3.33 4.36
C GLY A 46 7.80 3.13 3.69
ZN ZN B . -1.38 1.95 0.26
N GLY A 1 10.06 1.88 16.19
CA GLY A 1 9.35 1.48 14.99
C GLY A 1 10.22 0.70 14.04
N SER A 2 10.15 -0.63 14.13
CA SER A 2 10.93 -1.50 13.26
C SER A 2 10.04 -2.45 12.46
N SER A 3 9.57 -1.99 11.31
CA SER A 3 8.71 -2.79 10.46
C SER A 3 9.22 -2.82 9.02
N GLY A 4 8.79 -3.82 8.27
CA GLY A 4 9.22 -3.95 6.89
C GLY A 4 9.57 -5.37 6.52
N SER A 5 10.31 -6.05 7.40
CA SER A 5 10.72 -7.43 7.15
C SER A 5 9.59 -8.22 6.51
N SER A 6 8.36 -7.98 6.98
CA SER A 6 7.19 -8.67 6.46
C SER A 6 7.06 -8.46 4.95
N GLY A 7 6.82 -9.56 4.23
CA GLY A 7 6.68 -9.47 2.79
C GLY A 7 7.90 -8.88 2.11
N SER A 8 8.56 -9.68 1.28
CA SER A 8 9.76 -9.22 0.57
C SER A 8 9.39 -8.36 -0.63
N VAL A 9 10.36 -7.64 -1.17
CA VAL A 9 10.15 -6.78 -2.32
C VAL A 9 10.32 -7.55 -3.63
N GLU A 10 9.39 -8.46 -3.89
CA GLU A 10 9.43 -9.27 -5.11
C GLU A 10 8.32 -8.88 -6.07
N LYS A 11 8.00 -7.59 -6.09
CA LYS A 11 6.94 -7.08 -6.96
C LYS A 11 7.38 -5.78 -7.64
N PRO A 12 6.95 -5.60 -8.89
CA PRO A 12 7.28 -4.40 -9.68
C PRO A 12 6.56 -3.16 -9.15
N TYR A 13 5.25 -3.26 -8.98
CA TYR A 13 4.45 -2.14 -8.49
C TYR A 13 4.59 -2.01 -6.98
N LYS A 14 4.15 -0.87 -6.46
CA LYS A 14 4.22 -0.60 -5.02
C LYS A 14 3.49 0.70 -4.67
N CYS A 15 2.67 0.63 -3.63
CA CYS A 15 1.91 1.80 -3.19
C CYS A 15 2.84 2.93 -2.76
N GLU A 16 2.29 4.14 -2.66
CA GLU A 16 3.07 5.29 -2.26
C GLU A 16 2.74 5.71 -0.83
N ASP A 17 1.55 5.34 -0.37
CA ASP A 17 1.10 5.67 0.98
C ASP A 17 1.80 4.79 2.01
N CYS A 18 1.77 3.48 1.78
CA CYS A 18 2.39 2.53 2.69
C CYS A 18 3.66 1.93 2.08
N GLY A 19 3.49 1.28 0.93
CA GLY A 19 4.63 0.67 0.25
C GLY A 19 4.41 -0.81 -0.01
N LYS A 20 3.16 -1.23 -0.12
CA LYS A 20 2.83 -2.62 -0.37
C LYS A 20 3.06 -2.98 -1.83
N GLY A 21 3.70 -4.12 -2.05
CA GLY A 21 3.98 -4.56 -3.41
C GLY A 21 2.81 -5.28 -4.04
N TYR A 22 2.73 -5.23 -5.37
CA TYR A 22 1.64 -5.88 -6.09
C TYR A 22 2.11 -6.40 -7.44
N ASN A 23 1.40 -7.38 -7.97
CA ASN A 23 1.75 -7.97 -9.26
C ASN A 23 1.05 -7.24 -10.40
N ARG A 24 -0.11 -6.65 -10.09
CA ARG A 24 -0.88 -5.92 -11.08
C ARG A 24 -0.80 -4.41 -10.85
N ARG A 25 -1.26 -3.63 -11.82
CA ARG A 25 -1.24 -2.18 -11.71
C ARG A 25 -2.58 -1.66 -11.18
N LEU A 26 -3.64 -1.93 -11.92
CA LEU A 26 -4.98 -1.49 -11.52
C LEU A 26 -5.25 -1.83 -10.06
N ASN A 27 -4.90 -3.06 -9.66
CA ASN A 27 -5.11 -3.51 -8.30
C ASN A 27 -4.61 -2.48 -7.30
N LEU A 28 -3.42 -1.94 -7.55
CA LEU A 28 -2.82 -0.95 -6.67
C LEU A 28 -3.59 0.37 -6.73
N ASP A 29 -3.89 0.82 -7.95
CA ASP A 29 -4.63 2.05 -8.15
C ASP A 29 -5.87 2.11 -7.25
N MET A 30 -6.62 1.01 -7.23
CA MET A 30 -7.82 0.93 -6.42
C MET A 30 -7.47 0.81 -4.93
N HIS A 31 -6.32 0.18 -4.65
CA HIS A 31 -5.87 0.00 -3.28
C HIS A 31 -5.52 1.34 -2.64
N GLN A 32 -5.15 2.30 -3.47
CA GLN A 32 -4.78 3.63 -2.99
C GLN A 32 -5.99 4.34 -2.39
N ARG A 33 -7.16 3.75 -2.55
CA ARG A 33 -8.40 4.32 -2.02
C ARG A 33 -8.49 4.14 -0.51
N VAL A 34 -7.62 3.26 0.02
CA VAL A 34 -7.61 3.00 1.46
C VAL A 34 -7.00 4.16 2.22
N HIS A 35 -6.23 4.99 1.53
CA HIS A 35 -5.59 6.14 2.14
C HIS A 35 -6.28 7.44 1.73
N MET A 36 -6.78 7.47 0.50
CA MET A 36 -7.47 8.64 -0.02
C MET A 36 -8.57 9.09 0.93
N GLY A 37 -9.31 8.13 1.48
CA GLY A 37 -10.39 8.44 2.40
C GLY A 37 -10.16 7.84 3.78
N GLU A 38 -11.17 7.98 4.65
CA GLU A 38 -11.08 7.45 6.00
C GLU A 38 -12.33 6.67 6.36
N LYS A 39 -13.49 7.23 6.02
CA LYS A 39 -14.77 6.59 6.32
C LYS A 39 -14.90 5.27 5.57
N THR A 40 -14.08 5.09 4.53
CA THR A 40 -14.10 3.87 3.75
C THR A 40 -13.32 2.75 4.43
N SER A 41 -12.03 3.01 4.68
CA SER A 41 -11.18 2.02 5.33
C SER A 41 -11.42 2.00 6.85
N GLY A 42 -11.55 0.80 7.39
CA GLY A 42 -11.78 0.67 8.82
C GLY A 42 -11.32 -0.67 9.36
N PRO A 43 -11.05 -0.72 10.68
CA PRO A 43 -10.59 -1.94 11.34
C PRO A 43 -11.70 -2.99 11.43
N SER A 44 -11.32 -4.20 11.87
CA SER A 44 -12.27 -5.29 11.99
C SER A 44 -12.83 -5.36 13.42
N SER A 45 -14.09 -4.98 13.58
CA SER A 45 -14.74 -5.00 14.89
C SER A 45 -16.08 -5.70 14.82
N GLY A 46 -16.92 -5.27 13.88
CA GLY A 46 -18.24 -5.87 13.73
C GLY A 46 -18.64 -6.01 12.27
ZN ZN B . -1.31 1.60 0.17
N GLY A 1 7.98 -6.07 15.74
CA GLY A 1 7.12 -7.14 16.18
C GLY A 1 6.84 -8.15 15.08
N SER A 2 5.74 -7.95 14.37
CA SER A 2 5.36 -8.86 13.28
C SER A 2 5.33 -8.11 11.94
N SER A 3 6.49 -8.02 11.30
CA SER A 3 6.59 -7.34 10.02
C SER A 3 7.87 -7.75 9.29
N GLY A 4 7.70 -8.24 8.06
CA GLY A 4 8.85 -8.67 7.27
C GLY A 4 8.54 -8.72 5.79
N SER A 5 8.26 -9.91 5.28
CA SER A 5 7.96 -10.09 3.86
C SER A 5 8.89 -9.25 2.99
N SER A 6 10.15 -9.15 3.42
CA SER A 6 11.15 -8.38 2.68
C SER A 6 12.40 -9.21 2.43
N GLY A 7 12.42 -9.91 1.30
CA GLY A 7 13.57 -10.73 0.96
C GLY A 7 13.36 -11.51 -0.33
N SER A 8 12.60 -12.60 -0.24
CA SER A 8 12.33 -13.44 -1.41
C SER A 8 11.07 -12.98 -2.13
N VAL A 9 11.02 -11.68 -2.44
CA VAL A 9 9.87 -11.11 -3.14
C VAL A 9 10.21 -9.76 -3.76
N GLU A 10 9.90 -9.61 -5.05
CA GLU A 10 10.19 -8.37 -5.76
C GLU A 10 9.07 -8.06 -6.75
N LYS A 11 8.29 -7.03 -6.44
CA LYS A 11 7.20 -6.62 -7.31
C LYS A 11 7.53 -5.32 -8.05
N PRO A 12 6.99 -5.18 -9.26
CA PRO A 12 7.22 -4.00 -10.10
C PRO A 12 6.54 -2.75 -9.53
N TYR A 13 5.33 -2.91 -9.03
CA TYR A 13 4.58 -1.80 -8.45
C TYR A 13 4.68 -1.80 -6.93
N LYS A 14 4.87 -0.62 -6.37
CA LYS A 14 4.99 -0.48 -4.92
C LYS A 14 4.25 0.77 -4.44
N CYS A 15 3.27 0.57 -3.55
CA CYS A 15 2.49 1.68 -3.01
C CYS A 15 3.41 2.75 -2.42
N GLU A 16 2.86 3.94 -2.21
CA GLU A 16 3.62 5.05 -1.65
C GLU A 16 3.18 5.34 -0.22
N ASP A 17 1.87 5.26 0.01
CA ASP A 17 1.32 5.52 1.34
C ASP A 17 1.93 4.58 2.38
N CYS A 18 1.89 3.29 2.09
CA CYS A 18 2.45 2.30 3.01
C CYS A 18 3.67 1.62 2.40
N GLY A 19 3.55 1.20 1.16
CA GLY A 19 4.66 0.54 0.47
C GLY A 19 4.28 -0.83 -0.06
N LYS A 20 3.12 -1.32 0.35
CA LYS A 20 2.65 -2.63 -0.09
C LYS A 20 2.96 -2.84 -1.57
N GLY A 21 3.33 -4.07 -1.92
CA GLY A 21 3.66 -4.39 -3.30
C GLY A 21 2.47 -4.93 -4.07
N TYR A 22 2.59 -4.99 -5.38
CA TYR A 22 1.51 -5.49 -6.23
C TYR A 22 2.04 -5.89 -7.61
N ASN A 23 1.53 -6.99 -8.13
CA ASN A 23 1.95 -7.49 -9.44
C ASN A 23 0.97 -7.05 -10.53
N ARG A 24 0.04 -6.18 -10.16
CA ARG A 24 -0.96 -5.68 -11.10
C ARG A 24 -1.19 -4.18 -10.91
N ARG A 25 -1.67 -3.53 -11.96
CA ARG A 25 -1.93 -2.09 -11.91
C ARG A 25 -3.28 -1.81 -11.27
N LEU A 26 -4.27 -2.63 -11.60
CA LEU A 26 -5.62 -2.47 -11.06
C LEU A 26 -5.62 -2.61 -9.54
N ASN A 27 -4.96 -3.66 -9.06
CA ASN A 27 -4.89 -3.91 -7.62
C ASN A 27 -4.40 -2.68 -6.87
N LEU A 28 -3.46 -1.96 -7.49
CA LEU A 28 -2.90 -0.75 -6.89
C LEU A 28 -3.85 0.43 -7.05
N ASP A 29 -4.44 0.54 -8.23
CA ASP A 29 -5.39 1.62 -8.51
C ASP A 29 -6.53 1.63 -7.50
N MET A 30 -7.03 0.44 -7.18
CA MET A 30 -8.13 0.31 -6.22
C MET A 30 -7.61 0.35 -4.79
N HIS A 31 -6.31 0.11 -4.62
CA HIS A 31 -5.69 0.12 -3.31
C HIS A 31 -5.30 1.54 -2.89
N GLN A 32 -5.02 2.38 -3.88
CA GLN A 32 -4.64 3.76 -3.62
C GLN A 32 -5.72 4.48 -2.82
N ARG A 33 -6.96 4.33 -3.26
CA ARG A 33 -8.09 4.98 -2.59
C ARG A 33 -8.08 4.66 -1.10
N VAL A 34 -7.77 3.41 -0.77
CA VAL A 34 -7.73 2.98 0.63
C VAL A 34 -7.16 4.07 1.53
N HIS A 35 -6.24 4.86 0.97
CA HIS A 35 -5.61 5.93 1.73
C HIS A 35 -6.32 7.26 1.46
N MET A 36 -7.65 7.22 1.40
CA MET A 36 -8.44 8.42 1.15
C MET A 36 -9.71 8.41 1.99
N GLY A 37 -9.81 9.35 2.92
CA GLY A 37 -10.98 9.44 3.77
C GLY A 37 -10.65 9.95 5.17
N GLU A 38 -9.67 10.85 5.25
CA GLU A 38 -9.26 11.41 6.52
C GLU A 38 -8.86 10.31 7.50
N LYS A 39 -7.99 9.43 7.05
CA LYS A 39 -7.52 8.32 7.88
C LYS A 39 -6.15 7.83 7.42
N THR A 40 -5.12 8.12 8.21
CA THR A 40 -3.77 7.71 7.89
C THR A 40 -3.34 6.49 8.72
N SER A 41 -2.96 5.43 8.03
CA SER A 41 -2.54 4.21 8.70
C SER A 41 -1.63 3.37 7.79
N GLY A 42 -0.50 2.94 8.32
CA GLY A 42 0.44 2.14 7.55
C GLY A 42 1.43 1.40 8.42
N PRO A 43 1.83 0.20 7.98
CA PRO A 43 2.78 -0.63 8.72
C PRO A 43 4.19 -0.06 8.70
N SER A 44 4.57 0.53 7.57
CA SER A 44 5.89 1.13 7.41
C SER A 44 5.90 2.58 7.89
N SER A 45 7.03 3.02 8.41
CA SER A 45 7.17 4.39 8.91
C SER A 45 7.12 5.39 7.75
N GLY A 46 6.53 6.55 8.03
CA GLY A 46 6.42 7.58 7.00
C GLY A 46 5.36 7.25 5.97
ZN ZN B . -1.01 1.45 0.25
N GLY A 1 23.09 -10.90 13.11
CA GLY A 1 21.70 -11.12 12.76
C GLY A 1 21.17 -10.04 11.84
N SER A 2 21.25 -10.28 10.54
CA SER A 2 20.77 -9.32 9.54
C SER A 2 20.13 -10.04 8.36
N SER A 3 19.37 -9.29 7.57
CA SER A 3 18.69 -9.85 6.41
C SER A 3 19.68 -10.60 5.52
N GLY A 4 19.25 -11.74 5.01
CA GLY A 4 20.10 -12.55 4.15
C GLY A 4 20.40 -11.85 2.83
N SER A 5 20.35 -12.61 1.74
CA SER A 5 20.61 -12.07 0.41
C SER A 5 19.33 -11.59 -0.25
N SER A 6 19.46 -10.64 -1.17
CA SER A 6 18.31 -10.11 -1.88
C SER A 6 18.71 -9.61 -3.27
N GLY A 7 17.94 -10.01 -4.27
CA GLY A 7 18.22 -9.59 -5.63
C GLY A 7 17.15 -8.69 -6.21
N SER A 8 16.99 -7.51 -5.60
CA SER A 8 15.99 -6.55 -6.04
C SER A 8 14.69 -7.25 -6.43
N VAL A 9 14.26 -8.19 -5.59
CA VAL A 9 13.03 -8.94 -5.83
C VAL A 9 11.83 -8.21 -5.23
N GLU A 10 11.52 -7.04 -5.77
CA GLU A 10 10.38 -6.25 -5.29
C GLU A 10 9.30 -6.15 -6.36
N LYS A 11 8.05 -6.07 -5.92
CA LYS A 11 6.92 -5.97 -6.84
C LYS A 11 7.09 -4.78 -7.78
N PRO A 12 6.52 -4.90 -8.99
CA PRO A 12 6.59 -3.83 -10.00
C PRO A 12 5.77 -2.61 -9.61
N TYR A 13 4.59 -2.84 -9.05
CA TYR A 13 3.72 -1.75 -8.64
C TYR A 13 3.56 -1.72 -7.12
N LYS A 14 4.29 -0.80 -6.48
CA LYS A 14 4.25 -0.66 -5.03
C LYS A 14 3.63 0.68 -4.63
N CYS A 15 3.09 0.74 -3.43
CA CYS A 15 2.46 1.96 -2.93
C CYS A 15 3.49 2.86 -2.25
N GLU A 16 3.19 4.15 -2.17
CA GLU A 16 4.09 5.11 -1.56
C GLU A 16 3.61 5.49 -0.16
N ASP A 17 2.30 5.37 0.05
CA ASP A 17 1.71 5.71 1.35
C ASP A 17 2.14 4.72 2.42
N CYS A 18 2.09 3.43 2.08
CA CYS A 18 2.47 2.38 3.01
C CYS A 18 3.72 1.65 2.53
N GLY A 19 3.68 1.19 1.28
CA GLY A 19 4.81 0.49 0.71
C GLY A 19 4.45 -0.90 0.21
N LYS A 20 3.15 -1.20 0.21
CA LYS A 20 2.67 -2.49 -0.25
C LYS A 20 3.05 -2.74 -1.70
N GLY A 21 3.45 -3.97 -2.01
CA GLY A 21 3.84 -4.31 -3.36
C GLY A 21 2.83 -5.20 -4.04
N TYR A 22 2.57 -4.94 -5.32
CA TYR A 22 1.62 -5.73 -6.10
C TYR A 22 2.18 -6.07 -7.47
N ASN A 23 1.58 -7.06 -8.11
CA ASN A 23 2.02 -7.50 -9.44
C ASN A 23 1.16 -6.86 -10.52
N ARG A 24 -0.14 -6.72 -10.25
CA ARG A 24 -1.07 -6.13 -11.21
C ARG A 24 -1.18 -4.62 -10.99
N ARG A 25 -1.51 -3.91 -12.06
CA ARG A 25 -1.64 -2.46 -12.00
C ARG A 25 -2.95 -2.07 -11.31
N LEU A 26 -4.04 -2.71 -11.71
CA LEU A 26 -5.35 -2.43 -11.13
C LEU A 26 -5.31 -2.55 -9.61
N ASN A 27 -4.68 -3.62 -9.12
CA ASN A 27 -4.57 -3.85 -7.69
C ASN A 27 -4.13 -2.58 -6.96
N LEU A 28 -3.12 -1.91 -7.51
CA LEU A 28 -2.60 -0.69 -6.92
C LEU A 28 -3.57 0.47 -7.12
N ASP A 29 -4.01 0.66 -8.35
CA ASP A 29 -4.95 1.73 -8.68
C ASP A 29 -6.06 1.82 -7.62
N MET A 30 -6.77 0.72 -7.43
CA MET A 30 -7.84 0.68 -6.45
C MET A 30 -7.32 0.90 -5.04
N HIS A 31 -6.35 0.07 -4.64
CA HIS A 31 -5.75 0.17 -3.31
C HIS A 31 -5.61 1.63 -2.89
N GLN A 32 -5.20 2.48 -3.83
CA GLN A 32 -5.02 3.90 -3.56
C GLN A 32 -6.15 4.42 -2.67
N ARG A 33 -7.39 4.18 -3.09
CA ARG A 33 -8.55 4.63 -2.33
C ARG A 33 -8.39 4.32 -0.85
N VAL A 34 -7.98 3.09 -0.54
CA VAL A 34 -7.79 2.68 0.85
C VAL A 34 -7.24 3.82 1.69
N HIS A 35 -6.38 4.64 1.09
CA HIS A 35 -5.78 5.77 1.79
C HIS A 35 -6.67 7.01 1.66
N MET A 36 -7.97 6.81 1.81
CA MET A 36 -8.92 7.91 1.73
C MET A 36 -10.13 7.66 2.62
N GLY A 37 -10.40 8.60 3.53
CA GLY A 37 -11.52 8.47 4.44
C GLY A 37 -11.09 8.40 5.89
N GLU A 38 -12.04 8.55 6.80
CA GLU A 38 -11.76 8.51 8.23
C GLU A 38 -11.52 7.07 8.69
N LYS A 39 -10.34 6.84 9.26
CA LYS A 39 -9.98 5.52 9.75
C LYS A 39 -9.39 5.59 11.15
N THR A 40 -8.38 6.46 11.32
CA THR A 40 -7.73 6.62 12.61
C THR A 40 -7.58 8.10 12.96
N SER A 41 -8.43 8.59 13.86
CA SER A 41 -8.39 9.98 14.28
C SER A 41 -6.96 10.50 14.30
N GLY A 42 -6.12 9.87 15.12
CA GLY A 42 -4.73 10.27 15.23
C GLY A 42 -4.56 11.56 16.01
N PRO A 43 -3.31 11.97 16.22
CA PRO A 43 -2.99 13.19 16.96
C PRO A 43 -3.38 14.46 16.20
N SER A 44 -3.75 15.50 16.94
CA SER A 44 -4.16 16.76 16.34
C SER A 44 -3.02 17.36 15.52
N SER A 45 -1.84 17.41 16.12
CA SER A 45 -0.67 17.97 15.46
C SER A 45 -0.30 17.15 14.22
N GLY A 46 -0.26 17.82 13.08
CA GLY A 46 0.07 17.13 11.83
C GLY A 46 1.00 17.95 10.96
ZN ZN B . -0.94 2.02 0.23
N GLY A 1 7.18 -5.30 11.77
CA GLY A 1 6.84 -6.54 11.12
C GLY A 1 7.77 -6.87 9.97
N SER A 2 7.79 -8.13 9.55
CA SER A 2 8.64 -8.57 8.46
C SER A 2 7.81 -9.17 7.32
N SER A 3 8.23 -8.91 6.09
CA SER A 3 7.52 -9.42 4.92
C SER A 3 7.05 -10.84 5.15
N GLY A 4 5.98 -11.23 4.46
CA GLY A 4 5.44 -12.57 4.60
C GLY A 4 6.08 -13.55 3.64
N SER A 5 5.89 -13.33 2.34
CA SER A 5 6.44 -14.21 1.32
C SER A 5 7.71 -13.62 0.73
N SER A 6 8.86 -13.99 1.29
CA SER A 6 10.14 -13.50 0.82
C SER A 6 10.36 -13.86 -0.65
N GLY A 7 11.20 -13.08 -1.33
CA GLY A 7 11.47 -13.33 -2.72
C GLY A 7 12.66 -12.54 -3.23
N SER A 8 13.33 -13.06 -4.25
CA SER A 8 14.50 -12.40 -4.82
C SER A 8 14.11 -11.04 -5.41
N VAL A 9 13.08 -11.04 -6.26
CA VAL A 9 12.61 -9.82 -6.88
C VAL A 9 11.44 -9.21 -6.11
N GLU A 10 11.23 -7.91 -6.29
CA GLU A 10 10.15 -7.22 -5.60
C GLU A 10 9.07 -6.78 -6.59
N LYS A 11 7.81 -6.89 -6.16
CA LYS A 11 6.69 -6.50 -7.00
C LYS A 11 7.04 -5.31 -7.89
N PRO A 12 6.52 -5.30 -9.12
CA PRO A 12 6.77 -4.22 -10.08
C PRO A 12 6.09 -2.92 -9.68
N TYR A 13 5.11 -3.02 -8.78
CA TYR A 13 4.38 -1.85 -8.31
C TYR A 13 4.49 -1.71 -6.79
N LYS A 14 4.54 -0.47 -6.32
CA LYS A 14 4.63 -0.19 -4.89
C LYS A 14 3.86 1.07 -4.53
N CYS A 15 3.07 0.99 -3.46
CA CYS A 15 2.28 2.12 -3.00
C CYS A 15 3.16 3.13 -2.27
N GLU A 16 3.09 4.39 -2.70
CA GLU A 16 3.87 5.45 -2.09
C GLU A 16 3.16 6.01 -0.87
N ASP A 17 2.36 5.17 -0.21
CA ASP A 17 1.62 5.59 0.98
C ASP A 17 1.95 4.69 2.16
N CYS A 18 1.76 3.39 1.97
CA CYS A 18 2.03 2.42 3.03
C CYS A 18 3.31 1.64 2.74
N GLY A 19 3.44 1.15 1.50
CA GLY A 19 4.62 0.40 1.12
C GLY A 19 4.31 -1.05 0.84
N LYS A 20 3.33 -1.29 -0.02
CA LYS A 20 2.94 -2.65 -0.38
C LYS A 20 3.19 -2.92 -1.86
N GLY A 21 3.60 -4.15 -2.17
CA GLY A 21 3.86 -4.51 -3.55
C GLY A 21 2.66 -5.16 -4.22
N TYR A 22 2.58 -5.04 -5.54
CA TYR A 22 1.47 -5.62 -6.29
C TYR A 22 1.95 -6.15 -7.64
N ASN A 23 1.19 -7.08 -8.20
CA ASN A 23 1.55 -7.67 -9.49
C ASN A 23 0.74 -7.01 -10.62
N ARG A 24 -0.52 -6.70 -10.35
CA ARG A 24 -1.39 -6.08 -11.33
C ARG A 24 -1.58 -4.59 -11.03
N ARG A 25 -1.39 -3.76 -12.04
CA ARG A 25 -1.53 -2.32 -11.89
C ARG A 25 -2.83 -1.98 -11.16
N LEU A 26 -3.92 -2.58 -11.60
CA LEU A 26 -5.23 -2.34 -10.99
C LEU A 26 -5.14 -2.42 -9.47
N ASN A 27 -4.73 -3.58 -8.97
CA ASN A 27 -4.60 -3.78 -7.53
C ASN A 27 -4.11 -2.51 -6.84
N LEU A 28 -3.08 -1.90 -7.40
CA LEU A 28 -2.52 -0.67 -6.85
C LEU A 28 -3.48 0.50 -7.03
N ASP A 29 -3.83 0.78 -8.28
CA ASP A 29 -4.74 1.87 -8.60
C ASP A 29 -5.91 1.91 -7.61
N MET A 30 -6.67 0.82 -7.55
CA MET A 30 -7.80 0.73 -6.65
C MET A 30 -7.35 0.81 -5.20
N HIS A 31 -6.29 0.07 -4.86
CA HIS A 31 -5.78 0.07 -3.50
C HIS A 31 -5.70 1.49 -2.94
N GLN A 32 -5.10 2.39 -3.70
CA GLN A 32 -4.96 3.78 -3.29
C GLN A 32 -6.18 4.22 -2.47
N ARG A 33 -7.36 3.80 -2.91
CA ARG A 33 -8.60 4.15 -2.22
C ARG A 33 -8.40 4.13 -0.71
N VAL A 34 -7.87 3.03 -0.20
CA VAL A 34 -7.63 2.87 1.22
C VAL A 34 -7.16 4.18 1.85
N HIS A 35 -6.22 4.84 1.19
CA HIS A 35 -5.68 6.11 1.67
C HIS A 35 -6.56 7.28 1.22
N MET A 36 -6.84 7.33 -0.07
CA MET A 36 -7.68 8.40 -0.63
C MET A 36 -8.94 8.58 0.20
N GLY A 37 -8.91 9.57 1.10
CA GLY A 37 -10.05 9.84 1.94
C GLY A 37 -9.97 9.14 3.29
N GLU A 38 -10.67 9.68 4.29
CA GLU A 38 -10.66 9.10 5.63
C GLU A 38 -12.04 8.54 5.98
N LYS A 39 -12.14 7.22 6.00
CA LYS A 39 -13.39 6.55 6.32
C LYS A 39 -13.43 6.14 7.79
N THR A 40 -12.26 5.76 8.32
CA THR A 40 -12.16 5.34 9.72
C THR A 40 -11.41 6.39 10.54
N SER A 41 -11.55 6.29 11.86
CA SER A 41 -10.90 7.23 12.76
C SER A 41 -9.38 7.08 12.69
N GLY A 42 -8.90 5.83 12.72
CA GLY A 42 -7.48 5.56 12.66
C GLY A 42 -7.00 4.70 13.80
N PRO A 43 -7.14 3.37 13.65
CA PRO A 43 -6.72 2.42 14.67
C PRO A 43 -5.20 2.33 14.81
N SER A 44 -4.50 3.11 13.99
CA SER A 44 -3.05 3.12 14.01
C SER A 44 -2.53 3.47 15.41
N SER A 45 -3.15 4.48 16.02
CA SER A 45 -2.76 4.92 17.36
C SER A 45 -2.79 3.76 18.35
N GLY A 46 -3.88 2.99 18.31
CA GLY A 46 -4.03 1.85 19.20
C GLY A 46 -2.89 0.85 19.05
ZN ZN B . -1.13 1.87 0.25
N GLY A 1 0.54 -3.97 6.67
CA GLY A 1 0.20 -5.13 5.85
C GLY A 1 -0.57 -6.17 6.63
N SER A 2 -1.60 -6.73 6.01
CA SER A 2 -2.43 -7.75 6.64
C SER A 2 -1.59 -8.99 6.97
N SER A 3 -1.71 -9.45 8.22
CA SER A 3 -0.96 -10.63 8.66
C SER A 3 -1.16 -11.79 7.70
N GLY A 4 -0.22 -11.95 6.77
CA GLY A 4 -0.32 -13.02 5.80
C GLY A 4 0.90 -13.08 4.89
N SER A 5 1.73 -14.10 5.09
CA SER A 5 2.94 -14.27 4.28
C SER A 5 2.74 -15.37 3.24
N SER A 6 3.72 -15.51 2.35
CA SER A 6 3.66 -16.52 1.30
C SER A 6 4.98 -17.28 1.20
N GLY A 7 6.07 -16.54 1.06
CA GLY A 7 7.39 -17.16 0.96
C GLY A 7 8.46 -16.18 0.51
N SER A 8 8.81 -16.24 -0.77
CA SER A 8 9.84 -15.35 -1.31
C SER A 8 9.38 -14.75 -2.64
N VAL A 9 8.68 -13.63 -2.56
CA VAL A 9 8.19 -12.95 -3.76
C VAL A 9 8.36 -11.44 -3.64
N GLU A 10 8.70 -10.80 -4.76
CA GLU A 10 8.90 -9.36 -4.78
C GLU A 10 8.12 -8.73 -5.93
N LYS A 11 6.96 -8.15 -5.60
CA LYS A 11 6.13 -7.50 -6.61
C LYS A 11 6.84 -6.31 -7.23
N PRO A 12 6.62 -6.11 -8.54
CA PRO A 12 7.23 -5.00 -9.28
C PRO A 12 6.67 -3.65 -8.88
N TYR A 13 5.35 -3.58 -8.72
CA TYR A 13 4.68 -2.34 -8.34
C TYR A 13 4.70 -2.15 -6.83
N LYS A 14 4.44 -0.94 -6.38
CA LYS A 14 4.43 -0.62 -4.96
C LYS A 14 3.65 0.66 -4.69
N CYS A 15 2.88 0.67 -3.61
CA CYS A 15 2.09 1.84 -3.24
C CYS A 15 3.00 3.01 -2.86
N GLU A 16 2.48 4.22 -3.01
CA GLU A 16 3.23 5.42 -2.69
C GLU A 16 2.73 6.05 -1.38
N ASP A 17 1.82 5.35 -0.71
CA ASP A 17 1.26 5.83 0.54
C ASP A 17 1.80 5.03 1.72
N CYS A 18 1.93 3.72 1.54
CA CYS A 18 2.44 2.84 2.59
C CYS A 18 3.67 2.07 2.11
N GLY A 19 3.54 1.44 0.95
CA GLY A 19 4.64 0.67 0.41
C GLY A 19 4.26 -0.77 0.09
N LYS A 20 2.97 -1.00 -0.11
CA LYS A 20 2.47 -2.33 -0.42
C LYS A 20 2.74 -2.69 -1.89
N GLY A 21 3.24 -3.89 -2.11
CA GLY A 21 3.53 -4.33 -3.47
C GLY A 21 2.37 -5.05 -4.11
N TYR A 22 2.30 -5.02 -5.43
CA TYR A 22 1.23 -5.67 -6.17
C TYR A 22 1.73 -6.25 -7.48
N ASN A 23 0.97 -7.16 -8.07
CA ASN A 23 1.33 -7.78 -9.33
C ASN A 23 0.98 -6.89 -10.51
N ARG A 24 -0.21 -6.28 -10.45
CA ARG A 24 -0.67 -5.40 -11.51
C ARG A 24 -0.78 -3.96 -11.01
N ARG A 25 -0.88 -3.02 -11.94
CA ARG A 25 -0.99 -1.61 -11.60
C ARG A 25 -2.41 -1.27 -11.14
N LEU A 26 -3.39 -1.82 -11.82
CA LEU A 26 -4.79 -1.58 -11.49
C LEU A 26 -5.08 -1.99 -10.04
N ASN A 27 -4.87 -3.27 -9.74
CA ASN A 27 -5.10 -3.79 -8.40
C ASN A 27 -4.63 -2.80 -7.35
N LEU A 28 -3.48 -2.19 -7.59
CA LEU A 28 -2.91 -1.21 -6.66
C LEU A 28 -3.68 0.11 -6.72
N ASP A 29 -3.78 0.67 -7.91
CA ASP A 29 -4.49 1.93 -8.11
C ASP A 29 -5.71 2.01 -7.19
N MET A 30 -6.47 0.93 -7.11
CA MET A 30 -7.66 0.89 -6.26
C MET A 30 -7.27 0.82 -4.79
N HIS A 31 -6.28 -0.02 -4.48
CA HIS A 31 -5.81 -0.18 -3.11
C HIS A 31 -5.58 1.18 -2.45
N GLN A 32 -4.91 2.07 -3.17
CA GLN A 32 -4.62 3.40 -2.66
C GLN A 32 -5.85 4.01 -1.98
N ARG A 33 -7.02 3.63 -2.47
CA ARG A 33 -8.27 4.14 -1.91
C ARG A 33 -8.30 3.98 -0.39
N VAL A 34 -7.96 2.78 0.07
CA VAL A 34 -7.94 2.49 1.50
C VAL A 34 -7.47 3.69 2.30
N HIS A 35 -6.62 4.52 1.68
CA HIS A 35 -6.10 5.71 2.34
C HIS A 35 -7.04 6.89 2.15
N MET A 36 -7.35 7.19 0.88
CA MET A 36 -8.24 8.30 0.56
C MET A 36 -9.37 8.39 1.57
N GLY A 37 -9.39 9.48 2.34
CA GLY A 37 -10.43 9.68 3.33
C GLY A 37 -11.24 10.93 3.09
N GLU A 38 -11.95 11.38 4.12
CA GLU A 38 -12.77 12.58 4.02
C GLU A 38 -11.92 13.84 4.24
N LYS A 39 -11.32 13.94 5.41
CA LYS A 39 -10.48 15.08 5.75
C LYS A 39 -9.06 14.89 5.23
N THR A 40 -8.72 15.62 4.17
CA THR A 40 -7.39 15.53 3.59
C THR A 40 -6.41 16.48 4.25
N SER A 41 -5.55 15.95 5.11
CA SER A 41 -4.57 16.76 5.82
C SER A 41 -3.33 16.99 4.97
N GLY A 42 -2.67 15.91 4.59
CA GLY A 42 -1.47 16.01 3.78
C GLY A 42 -0.31 16.63 4.52
N PRO A 43 0.90 16.55 3.94
CA PRO A 43 2.11 17.10 4.54
C PRO A 43 2.11 18.63 4.54
N SER A 44 2.12 19.22 5.73
CA SER A 44 2.13 20.67 5.85
C SER A 44 2.30 21.09 7.31
N SER A 45 2.57 22.37 7.53
CA SER A 45 2.76 22.89 8.88
C SER A 45 1.59 23.78 9.28
N GLY A 46 0.69 23.24 10.10
CA GLY A 46 -0.45 24.01 10.55
C GLY A 46 -1.73 23.18 10.56
ZN ZN B . -1.34 1.79 -0.01
N GLY A 1 19.24 -7.87 5.86
CA GLY A 1 18.37 -7.93 7.02
C GLY A 1 17.15 -8.79 6.80
N SER A 2 17.38 -10.01 6.30
CA SER A 2 16.29 -10.95 6.03
C SER A 2 15.56 -11.31 7.33
N SER A 3 16.34 -11.68 8.34
CA SER A 3 15.77 -12.06 9.64
C SER A 3 14.78 -13.21 9.48
N GLY A 4 15.15 -14.19 8.65
CA GLY A 4 14.29 -15.34 8.43
C GLY A 4 13.03 -14.97 7.68
N SER A 5 13.07 -15.12 6.35
CA SER A 5 11.91 -14.80 5.53
C SER A 5 12.03 -15.46 4.15
N SER A 6 11.11 -16.37 3.86
CA SER A 6 11.11 -17.07 2.59
C SER A 6 9.71 -17.13 2.00
N GLY A 7 9.49 -16.36 0.94
CA GLY A 7 8.19 -16.33 0.29
C GLY A 7 7.94 -15.05 -0.47
N SER A 8 8.36 -13.93 0.12
CA SER A 8 8.18 -12.62 -0.51
C SER A 8 8.87 -12.58 -1.87
N VAL A 9 8.13 -12.12 -2.87
CA VAL A 9 8.67 -12.02 -4.23
C VAL A 9 8.66 -10.57 -4.72
N GLU A 10 9.83 -10.06 -5.04
CA GLU A 10 9.96 -8.68 -5.52
C GLU A 10 8.89 -8.37 -6.57
N LYS A 11 8.09 -7.34 -6.30
CA LYS A 11 7.03 -6.94 -7.22
C LYS A 11 7.37 -5.61 -7.89
N PRO A 12 6.97 -5.47 -9.16
CA PRO A 12 7.21 -4.26 -9.94
C PRO A 12 6.38 -3.08 -9.45
N TYR A 13 5.16 -3.35 -9.01
CA TYR A 13 4.27 -2.31 -8.52
C TYR A 13 4.45 -2.11 -7.01
N LYS A 14 4.31 -0.87 -6.57
CA LYS A 14 4.46 -0.53 -5.16
C LYS A 14 3.66 0.71 -4.80
N CYS A 15 3.18 0.77 -3.57
CA CYS A 15 2.40 1.92 -3.10
C CYS A 15 3.32 3.01 -2.56
N GLU A 16 2.77 4.21 -2.42
CA GLU A 16 3.53 5.35 -1.91
C GLU A 16 3.11 5.70 -0.49
N ASP A 17 1.83 5.52 -0.20
CA ASP A 17 1.29 5.81 1.13
C ASP A 17 1.91 4.90 2.18
N CYS A 18 1.68 3.60 2.04
CA CYS A 18 2.22 2.63 2.98
C CYS A 18 3.48 1.97 2.43
N GLY A 19 3.37 1.44 1.21
CA GLY A 19 4.50 0.78 0.59
C GLY A 19 4.23 -0.65 0.23
N LYS A 20 2.96 -0.97 0.00
CA LYS A 20 2.55 -2.33 -0.36
C LYS A 20 2.94 -2.66 -1.80
N GLY A 21 3.01 -3.94 -2.11
CA GLY A 21 3.37 -4.37 -3.45
C GLY A 21 2.24 -5.09 -4.16
N TYR A 22 2.37 -5.23 -5.47
CA TYR A 22 1.34 -5.90 -6.27
C TYR A 22 1.91 -6.37 -7.60
N ASN A 23 1.27 -7.38 -8.19
CA ASN A 23 1.71 -7.93 -9.46
C ASN A 23 1.04 -7.21 -10.63
N ARG A 24 -0.08 -6.56 -10.34
CA ARG A 24 -0.82 -5.84 -11.37
C ARG A 24 -0.98 -4.36 -10.98
N ARG A 25 -1.27 -3.53 -11.97
CA ARG A 25 -1.44 -2.10 -11.75
C ARG A 25 -2.81 -1.81 -11.12
N LEU A 26 -3.84 -2.40 -11.69
CA LEU A 26 -5.20 -2.21 -11.20
C LEU A 26 -5.24 -2.29 -9.68
N ASN A 27 -4.84 -3.44 -9.14
CA ASN A 27 -4.82 -3.65 -7.70
C ASN A 27 -4.26 -2.42 -6.98
N LEU A 28 -3.15 -1.90 -7.47
CA LEU A 28 -2.52 -0.73 -6.88
C LEU A 28 -3.39 0.51 -7.06
N ASP A 29 -3.94 0.68 -8.27
CA ASP A 29 -4.80 1.81 -8.57
C ASP A 29 -5.90 1.96 -7.53
N MET A 30 -6.67 0.89 -7.34
CA MET A 30 -7.76 0.90 -6.38
C MET A 30 -7.23 0.96 -4.95
N HIS A 31 -6.35 0.02 -4.62
CA HIS A 31 -5.77 -0.03 -3.28
C HIS A 31 -5.55 1.37 -2.73
N GLN A 32 -5.06 2.27 -3.58
CA GLN A 32 -4.80 3.65 -3.16
C GLN A 32 -5.93 4.17 -2.28
N ARG A 33 -7.16 4.00 -2.74
CA ARG A 33 -8.32 4.46 -1.99
C ARG A 33 -8.18 4.14 -0.51
N VAL A 34 -7.67 2.94 -0.22
CA VAL A 34 -7.49 2.51 1.16
C VAL A 34 -7.07 3.69 2.05
N HIS A 35 -6.26 4.58 1.50
CA HIS A 35 -5.80 5.75 2.24
C HIS A 35 -6.71 6.95 2.00
N MET A 36 -7.20 7.06 0.77
CA MET A 36 -8.09 8.16 0.40
C MET A 36 -9.49 7.95 0.97
N GLY A 37 -9.56 7.63 2.26
CA GLY A 37 -10.84 7.40 2.89
C GLY A 37 -11.07 8.31 4.08
N GLU A 38 -10.58 7.92 5.24
CA GLU A 38 -10.74 8.71 6.45
C GLU A 38 -9.41 9.34 6.86
N LYS A 39 -9.49 10.56 7.41
CA LYS A 39 -8.30 11.27 7.84
C LYS A 39 -7.32 11.45 6.69
N THR A 40 -7.84 11.78 5.52
CA THR A 40 -7.02 11.97 4.33
C THR A 40 -5.68 12.60 4.70
N SER A 41 -4.61 12.14 4.04
CA SER A 41 -3.28 12.66 4.31
C SER A 41 -2.93 13.77 3.33
N GLY A 42 -3.07 13.49 2.04
CA GLY A 42 -2.77 14.48 1.02
C GLY A 42 -1.44 14.22 0.34
N PRO A 43 -1.00 15.17 -0.50
CA PRO A 43 0.26 15.07 -1.23
C PRO A 43 1.48 15.18 -0.31
N SER A 44 2.66 14.94 -0.87
CA SER A 44 3.89 15.00 -0.09
C SER A 44 4.33 16.45 0.11
N SER A 45 4.51 17.17 -1.00
CA SER A 45 4.92 18.56 -0.95
C SER A 45 3.72 19.48 -0.68
N GLY A 46 3.87 20.38 0.28
CA GLY A 46 2.80 21.29 0.61
C GLY A 46 1.69 20.63 1.40
ZN ZN B . -1.08 1.78 0.10
N GLY A 1 23.26 -18.33 3.39
CA GLY A 1 22.96 -19.73 3.17
C GLY A 1 21.55 -20.08 3.60
N SER A 2 20.61 -20.05 2.64
CA SER A 2 19.22 -20.37 2.93
C SER A 2 18.49 -20.80 1.66
N SER A 3 17.55 -21.72 1.80
CA SER A 3 16.78 -22.22 0.66
C SER A 3 15.32 -22.43 1.05
N GLY A 4 14.43 -21.71 0.38
CA GLY A 4 13.01 -21.83 0.66
C GLY A 4 12.17 -20.88 -0.18
N SER A 5 12.62 -19.63 -0.28
CA SER A 5 11.91 -18.62 -1.05
C SER A 5 11.26 -19.24 -2.29
N SER A 6 9.98 -18.96 -2.48
CA SER A 6 9.24 -19.49 -3.62
C SER A 6 9.39 -18.58 -4.83
N GLY A 7 10.61 -18.09 -5.05
CA GLY A 7 10.88 -17.23 -6.18
C GLY A 7 10.48 -15.79 -5.90
N SER A 8 10.96 -15.25 -4.78
CA SER A 8 10.65 -13.88 -4.40
C SER A 8 11.42 -12.88 -5.27
N VAL A 9 10.69 -12.18 -6.13
CA VAL A 9 11.30 -11.19 -7.02
C VAL A 9 10.67 -9.81 -6.84
N GLU A 10 11.49 -8.78 -6.96
CA GLU A 10 11.00 -7.41 -6.80
C GLU A 10 9.73 -7.19 -7.61
N LYS A 11 8.70 -6.65 -6.97
CA LYS A 11 7.43 -6.40 -7.62
C LYS A 11 7.53 -5.18 -8.53
N PRO A 12 6.82 -5.22 -9.67
CA PRO A 12 6.81 -4.13 -10.64
C PRO A 12 6.08 -2.90 -10.12
N TYR A 13 5.06 -3.11 -9.28
CA TYR A 13 4.29 -2.02 -8.72
C TYR A 13 4.45 -1.97 -7.19
N LYS A 14 4.41 -0.76 -6.65
CA LYS A 14 4.55 -0.58 -5.21
C LYS A 14 3.91 0.74 -4.77
N CYS A 15 3.31 0.73 -3.59
CA CYS A 15 2.66 1.91 -3.04
C CYS A 15 3.67 2.82 -2.34
N GLU A 16 3.36 4.11 -2.25
CA GLU A 16 4.24 5.07 -1.60
C GLU A 16 3.65 5.52 -0.26
N ASP A 17 2.33 5.48 -0.16
CA ASP A 17 1.64 5.88 1.06
C ASP A 17 2.01 4.96 2.22
N CYS A 18 1.90 3.66 1.99
CA CYS A 18 2.22 2.67 3.01
C CYS A 18 3.42 1.82 2.61
N GLY A 19 3.44 1.39 1.35
CA GLY A 19 4.55 0.59 0.85
C GLY A 19 4.09 -0.78 0.39
N LYS A 20 2.78 -0.99 0.34
CA LYS A 20 2.22 -2.27 -0.09
C LYS A 20 2.83 -2.70 -1.42
N GLY A 21 2.85 -4.01 -1.65
CA GLY A 21 3.40 -4.53 -2.89
C GLY A 21 2.39 -5.32 -3.69
N TYR A 22 2.48 -5.24 -5.02
CA TYR A 22 1.56 -5.95 -5.89
C TYR A 22 2.23 -6.27 -7.23
N ASN A 23 1.52 -7.00 -8.07
CA ASN A 23 2.03 -7.39 -9.39
C ASN A 23 1.21 -6.75 -10.50
N ARG A 24 -0.08 -6.55 -10.23
CA ARG A 24 -0.97 -5.94 -11.21
C ARG A 24 -1.07 -4.43 -11.01
N ARG A 25 -1.52 -3.73 -12.04
CA ARG A 25 -1.66 -2.28 -11.98
C ARG A 25 -2.99 -1.89 -11.33
N LEU A 26 -4.06 -2.54 -11.76
CA LEU A 26 -5.39 -2.25 -11.22
C LEU A 26 -5.39 -2.38 -9.71
N ASN A 27 -4.82 -3.47 -9.20
CA ASN A 27 -4.77 -3.70 -7.76
C ASN A 27 -4.26 -2.47 -7.03
N LEU A 28 -3.20 -1.86 -7.57
CA LEU A 28 -2.63 -0.66 -6.96
C LEU A 28 -3.56 0.54 -7.12
N ASP A 29 -4.01 0.76 -8.36
CA ASP A 29 -4.91 1.88 -8.65
C ASP A 29 -6.07 1.91 -7.65
N MET A 30 -6.76 0.79 -7.52
CA MET A 30 -7.89 0.69 -6.60
C MET A 30 -7.42 0.75 -5.15
N HIS A 31 -6.31 0.08 -4.86
CA HIS A 31 -5.76 0.07 -3.52
C HIS A 31 -5.65 1.48 -2.95
N GLN A 32 -5.20 2.41 -3.78
CA GLN A 32 -5.05 3.80 -3.36
C GLN A 32 -6.27 4.26 -2.57
N ARG A 33 -7.40 3.60 -2.79
CA ARG A 33 -8.63 3.94 -2.09
C ARG A 33 -8.43 3.93 -0.58
N VAL A 34 -7.73 2.91 -0.09
CA VAL A 34 -7.47 2.78 1.34
C VAL A 34 -7.02 4.10 1.94
N HIS A 35 -6.32 4.91 1.13
CA HIS A 35 -5.83 6.21 1.58
C HIS A 35 -6.81 7.31 1.19
N MET A 36 -7.28 7.27 -0.06
CA MET A 36 -8.21 8.26 -0.57
C MET A 36 -9.57 8.14 0.13
N GLY A 37 -10.19 6.98 -0.02
CA GLY A 37 -11.49 6.75 0.59
C GLY A 37 -11.53 5.45 1.38
N GLU A 38 -11.84 5.56 2.67
CA GLU A 38 -11.92 4.39 3.54
C GLU A 38 -13.17 4.43 4.40
N LYS A 39 -14.21 3.73 3.98
CA LYS A 39 -15.47 3.69 4.71
C LYS A 39 -15.28 3.05 6.09
N THR A 40 -15.18 3.88 7.12
CA THR A 40 -14.99 3.40 8.48
C THR A 40 -16.12 2.44 8.88
N SER A 41 -17.35 2.82 8.58
CA SER A 41 -18.51 2.01 8.91
C SER A 41 -18.21 0.53 8.68
N GLY A 42 -18.59 -0.30 9.65
CA GLY A 42 -18.36 -1.72 9.54
C GLY A 42 -17.37 -2.24 10.57
N PRO A 43 -17.59 -3.47 11.04
CA PRO A 43 -16.72 -4.10 12.04
C PRO A 43 -15.34 -4.44 11.49
N SER A 44 -14.54 -5.14 12.29
CA SER A 44 -13.20 -5.53 11.88
C SER A 44 -13.18 -6.00 10.43
N SER A 45 -12.09 -5.72 9.73
CA SER A 45 -11.95 -6.11 8.33
C SER A 45 -10.48 -6.31 7.96
N GLY A 46 -10.25 -7.04 6.89
CA GLY A 46 -8.88 -7.29 6.44
C GLY A 46 -8.80 -8.38 5.39
ZN ZN B . -1.12 2.12 -0.07
N GLY A 1 24.12 -7.05 10.81
CA GLY A 1 22.97 -6.93 9.94
C GLY A 1 22.60 -5.48 9.69
N SER A 2 22.01 -5.22 8.52
CA SER A 2 21.60 -3.87 8.15
C SER A 2 20.08 -3.75 8.13
N SER A 3 19.50 -3.47 9.29
CA SER A 3 18.05 -3.34 9.41
C SER A 3 17.34 -4.31 8.48
N GLY A 4 17.84 -5.54 8.41
CA GLY A 4 17.24 -6.55 7.55
C GLY A 4 15.72 -6.53 7.62
N SER A 5 15.09 -7.03 6.57
CA SER A 5 13.63 -7.06 6.50
C SER A 5 13.14 -8.22 5.63
N SER A 6 11.95 -8.72 5.93
CA SER A 6 11.38 -9.83 5.18
C SER A 6 11.60 -9.65 3.68
N GLY A 7 12.38 -10.53 3.08
CA GLY A 7 12.64 -10.45 1.66
C GLY A 7 11.51 -10.99 0.81
N SER A 8 10.92 -10.14 -0.01
CA SER A 8 9.80 -10.54 -0.86
C SER A 8 10.10 -10.23 -2.33
N VAL A 9 9.54 -11.04 -3.23
CA VAL A 9 9.73 -10.84 -4.66
C VAL A 9 9.74 -9.37 -5.02
N GLU A 10 10.50 -9.02 -6.05
CA GLU A 10 10.59 -7.64 -6.51
C GLU A 10 9.40 -7.27 -7.40
N LYS A 11 8.30 -6.86 -6.79
CA LYS A 11 7.10 -6.49 -7.52
C LYS A 11 7.36 -5.26 -8.38
N PRO A 12 6.74 -5.23 -9.57
CA PRO A 12 6.89 -4.12 -10.52
C PRO A 12 6.20 -2.85 -10.02
N TYR A 13 5.11 -3.02 -9.29
CA TYR A 13 4.37 -1.89 -8.76
C TYR A 13 4.38 -1.89 -7.23
N LYS A 14 4.45 -0.70 -6.64
CA LYS A 14 4.47 -0.56 -5.20
C LYS A 14 3.76 0.72 -4.77
N CYS A 15 3.18 0.69 -3.57
CA CYS A 15 2.47 1.85 -3.04
C CYS A 15 3.45 2.85 -2.43
N GLU A 16 2.95 4.05 -2.12
CA GLU A 16 3.78 5.09 -1.54
C GLU A 16 3.28 5.47 -0.15
N ASP A 17 1.96 5.43 0.04
CA ASP A 17 1.35 5.77 1.32
C ASP A 17 1.78 4.77 2.39
N CYS A 18 1.59 3.49 2.12
CA CYS A 18 1.95 2.44 3.06
C CYS A 18 3.26 1.75 2.64
N GLY A 19 3.31 1.33 1.39
CA GLY A 19 4.51 0.66 0.88
C GLY A 19 4.20 -0.72 0.32
N LYS A 20 2.97 -1.18 0.52
CA LYS A 20 2.56 -2.49 0.04
C LYS A 20 2.88 -2.65 -1.45
N GLY A 21 3.23 -3.86 -1.85
CA GLY A 21 3.55 -4.11 -3.25
C GLY A 21 2.50 -4.96 -3.93
N TYR A 22 2.46 -4.89 -5.26
CA TYR A 22 1.50 -5.65 -6.04
C TYR A 22 2.11 -6.12 -7.36
N ASN A 23 1.49 -7.13 -7.97
CA ASN A 23 1.97 -7.66 -9.24
C ASN A 23 1.07 -7.22 -10.39
N ARG A 24 0.17 -6.29 -10.10
CA ARG A 24 -0.76 -5.79 -11.12
C ARG A 24 -0.97 -4.29 -10.97
N ARG A 25 -1.71 -3.71 -11.90
CA ARG A 25 -1.99 -2.27 -11.87
C ARG A 25 -3.36 -2.00 -11.28
N LEU A 26 -4.37 -2.69 -11.80
CA LEU A 26 -5.74 -2.53 -11.32
C LEU A 26 -5.81 -2.63 -9.80
N ASN A 27 -4.93 -3.46 -9.23
CA ASN A 27 -4.89 -3.64 -7.79
C ASN A 27 -4.39 -2.38 -7.09
N LEU A 28 -3.21 -1.91 -7.48
CA LEU A 28 -2.63 -0.72 -6.89
C LEU A 28 -3.57 0.47 -7.02
N ASP A 29 -4.02 0.74 -8.25
CA ASP A 29 -4.92 1.84 -8.51
C ASP A 29 -6.14 1.77 -7.59
N MET A 30 -6.73 0.58 -7.50
CA MET A 30 -7.91 0.38 -6.67
C MET A 30 -7.50 0.15 -5.21
N HIS A 31 -6.22 0.32 -4.92
CA HIS A 31 -5.70 0.14 -3.57
C HIS A 31 -5.37 1.48 -2.93
N GLN A 32 -4.65 2.33 -3.66
CA GLN A 32 -4.26 3.64 -3.17
C GLN A 32 -5.43 4.32 -2.46
N ARG A 33 -6.64 4.06 -2.93
CA ARG A 33 -7.84 4.65 -2.34
C ARG A 33 -7.90 4.34 -0.84
N VAL A 34 -7.55 3.11 -0.47
CA VAL A 34 -7.56 2.71 0.92
C VAL A 34 -7.05 3.81 1.84
N HIS A 35 -6.21 4.69 1.27
CA HIS A 35 -5.65 5.80 2.04
C HIS A 35 -6.42 7.09 1.76
N MET A 36 -6.48 7.46 0.49
CA MET A 36 -7.18 8.68 0.08
C MET A 36 -8.51 8.82 0.81
N GLY A 37 -8.55 9.68 1.81
CA GLY A 37 -9.77 9.89 2.57
C GLY A 37 -9.80 9.06 3.84
N GLU A 38 -9.59 9.72 4.98
CA GLU A 38 -9.59 9.03 6.27
C GLU A 38 -10.46 9.78 7.28
N LYS A 39 -11.25 9.03 8.03
CA LYS A 39 -12.13 9.63 9.04
C LYS A 39 -11.46 10.83 9.70
N THR A 40 -10.25 10.63 10.19
CA THR A 40 -9.49 11.69 10.85
C THR A 40 -8.87 12.64 9.83
N SER A 41 -9.66 13.61 9.37
CA SER A 41 -9.18 14.58 8.40
C SER A 41 -9.46 16.00 8.86
N GLY A 42 -8.50 16.89 8.63
CA GLY A 42 -8.65 18.28 9.03
C GLY A 42 -8.60 19.23 7.86
N PRO A 43 -9.40 20.30 7.93
CA PRO A 43 -9.46 21.32 6.87
C PRO A 43 -8.20 22.16 6.80
N SER A 44 -7.82 22.55 5.58
CA SER A 44 -6.62 23.35 5.37
C SER A 44 -6.97 24.69 4.74
N SER A 45 -6.65 25.77 5.44
CA SER A 45 -6.94 27.12 4.94
C SER A 45 -5.96 27.51 3.84
N GLY A 46 -6.49 28.07 2.76
CA GLY A 46 -5.66 28.47 1.64
C GLY A 46 -6.13 27.91 0.32
ZN ZN B . -1.21 1.49 -0.13
N GLY A 1 16.39 1.74 7.55
CA GLY A 1 15.13 1.05 7.79
C GLY A 1 14.63 0.30 6.56
N SER A 2 14.69 -1.03 6.62
CA SER A 2 14.26 -1.86 5.51
C SER A 2 13.33 -2.96 6.00
N SER A 3 12.18 -3.11 5.34
CA SER A 3 11.20 -4.12 5.70
C SER A 3 11.82 -5.52 5.62
N GLY A 4 12.25 -5.89 4.42
CA GLY A 4 12.85 -7.21 4.22
C GLY A 4 12.26 -7.94 3.03
N SER A 5 13.09 -8.17 2.01
CA SER A 5 12.64 -8.87 0.81
C SER A 5 13.54 -10.06 0.51
N SER A 6 13.03 -11.26 0.78
CA SER A 6 13.79 -12.48 0.55
C SER A 6 13.01 -13.42 -0.37
N GLY A 7 13.71 -14.01 -1.34
CA GLY A 7 13.08 -14.92 -2.27
C GLY A 7 12.70 -14.24 -3.57
N SER A 8 13.67 -13.61 -4.22
CA SER A 8 13.43 -12.92 -5.48
C SER A 8 12.06 -12.25 -5.49
N VAL A 9 11.70 -11.65 -4.36
CA VAL A 9 10.42 -10.97 -4.24
C VAL A 9 10.52 -9.51 -4.67
N GLU A 10 10.42 -9.28 -5.97
CA GLU A 10 10.50 -7.93 -6.52
C GLU A 10 9.30 -7.64 -7.44
N LYS A 11 8.36 -6.87 -6.93
CA LYS A 11 7.17 -6.51 -7.70
C LYS A 11 7.38 -5.20 -8.45
N PRO A 12 6.81 -5.13 -9.67
CA PRO A 12 6.92 -3.93 -10.52
C PRO A 12 6.14 -2.75 -9.97
N TYR A 13 5.02 -3.05 -9.31
CA TYR A 13 4.17 -2.01 -8.73
C TYR A 13 4.35 -1.95 -7.21
N LYS A 14 4.01 -0.80 -6.64
CA LYS A 14 4.12 -0.61 -5.20
C LYS A 14 3.50 0.72 -4.77
N CYS A 15 2.85 0.72 -3.62
CA CYS A 15 2.21 1.93 -3.10
C CYS A 15 3.26 2.91 -2.59
N GLU A 16 2.81 4.13 -2.29
CA GLU A 16 3.71 5.18 -1.79
C GLU A 16 3.39 5.51 -0.34
N ASP A 17 2.11 5.62 -0.02
CA ASP A 17 1.68 5.94 1.34
C ASP A 17 2.20 4.90 2.33
N CYS A 18 1.77 3.65 2.15
CA CYS A 18 2.18 2.56 3.02
C CYS A 18 3.41 1.85 2.46
N GLY A 19 3.35 1.50 1.18
CA GLY A 19 4.45 0.82 0.54
C GLY A 19 4.15 -0.64 0.25
N LYS A 20 2.89 -0.94 0.00
CA LYS A 20 2.47 -2.30 -0.29
C LYS A 20 2.84 -2.70 -1.72
N GLY A 21 3.11 -3.98 -1.92
CA GLY A 21 3.48 -4.46 -3.24
C GLY A 21 2.34 -5.20 -3.92
N TYR A 22 2.38 -5.22 -5.25
CA TYR A 22 1.34 -5.90 -6.02
C TYR A 22 1.90 -6.43 -7.33
N ASN A 23 1.21 -7.41 -7.92
CA ASN A 23 1.64 -8.01 -9.17
C ASN A 23 1.11 -7.21 -10.37
N ARG A 24 -0.14 -6.78 -10.27
CA ARG A 24 -0.76 -6.01 -11.35
C ARG A 24 -0.81 -4.53 -10.99
N ARG A 25 -1.28 -3.71 -11.93
CA ARG A 25 -1.37 -2.27 -11.71
C ARG A 25 -2.71 -1.90 -11.09
N LEU A 26 -3.79 -2.32 -11.73
CA LEU A 26 -5.14 -2.03 -11.24
C LEU A 26 -5.20 -2.20 -9.72
N ASN A 27 -4.76 -3.35 -9.24
CA ASN A 27 -4.78 -3.63 -7.81
C ASN A 27 -4.26 -2.44 -7.01
N LEU A 28 -3.12 -1.90 -7.44
CA LEU A 28 -2.52 -0.75 -6.77
C LEU A 28 -3.43 0.47 -6.86
N ASP A 29 -3.77 0.85 -8.09
CA ASP A 29 -4.63 2.01 -8.32
C ASP A 29 -5.83 1.97 -7.38
N MET A 30 -6.56 0.86 -7.39
CA MET A 30 -7.73 0.71 -6.53
C MET A 30 -7.33 0.71 -5.05
N HIS A 31 -6.28 -0.03 -4.72
CA HIS A 31 -5.80 -0.11 -3.35
C HIS A 31 -5.55 1.28 -2.78
N GLN A 32 -4.93 2.15 -3.59
CA GLN A 32 -4.63 3.50 -3.16
C GLN A 32 -5.84 4.13 -2.46
N ARG A 33 -7.03 3.74 -2.88
CA ARG A 33 -8.26 4.27 -2.29
C ARG A 33 -8.22 4.17 -0.77
N VAL A 34 -7.81 3.01 -0.27
CA VAL A 34 -7.73 2.78 1.18
C VAL A 34 -7.17 4.01 1.89
N HIS A 35 -6.39 4.80 1.16
CA HIS A 35 -5.79 6.01 1.73
C HIS A 35 -6.56 7.25 1.29
N MET A 36 -7.89 7.13 1.26
CA MET A 36 -8.74 8.25 0.87
C MET A 36 -9.36 8.92 2.09
N GLY A 37 -8.62 9.85 2.69
CA GLY A 37 -9.11 10.55 3.85
C GLY A 37 -8.82 12.04 3.81
N GLU A 38 -9.87 12.85 3.76
CA GLU A 38 -9.71 14.30 3.70
C GLU A 38 -9.19 14.84 5.04
N LYS A 39 -8.14 15.65 4.97
CA LYS A 39 -7.55 16.24 6.16
C LYS A 39 -7.92 17.72 6.29
N THR A 40 -7.95 18.41 5.15
CA THR A 40 -8.29 19.82 5.14
C THR A 40 -9.36 20.15 6.16
N SER A 41 -10.53 19.53 5.99
CA SER A 41 -11.65 19.76 6.91
C SER A 41 -11.77 18.62 7.92
N GLY A 42 -11.03 17.55 7.67
CA GLY A 42 -11.06 16.40 8.58
C GLY A 42 -10.33 16.68 9.88
N PRO A 43 -10.82 16.08 10.97
CA PRO A 43 -10.23 16.25 12.31
C PRO A 43 -8.88 15.57 12.43
N SER A 44 -8.09 16.00 13.40
CA SER A 44 -6.76 15.43 13.62
C SER A 44 -6.80 14.37 14.72
N SER A 45 -6.87 13.11 14.31
CA SER A 45 -6.92 12.00 15.26
C SER A 45 -5.79 11.02 14.98
N GLY A 46 -5.08 10.63 16.05
CA GLY A 46 -3.98 9.69 15.91
C GLY A 46 -3.80 8.82 17.14
ZN ZN B . -1.19 1.70 0.04
N GLY A 1 -0.37 -0.51 8.33
CA GLY A 1 0.03 -1.89 8.49
C GLY A 1 0.57 -2.49 7.21
N SER A 2 1.79 -3.03 7.27
CA SER A 2 2.42 -3.64 6.11
C SER A 2 3.02 -4.99 6.45
N SER A 3 3.39 -5.75 5.43
CA SER A 3 3.98 -7.07 5.62
C SER A 3 5.36 -7.14 5.01
N GLY A 4 6.21 -8.01 5.57
CA GLY A 4 7.56 -8.15 5.06
C GLY A 4 7.59 -8.59 3.61
N SER A 5 8.60 -9.39 3.26
CA SER A 5 8.75 -9.88 1.90
C SER A 5 9.53 -11.19 1.87
N SER A 6 9.04 -12.14 1.07
CA SER A 6 9.70 -13.44 0.96
C SER A 6 10.03 -13.76 -0.50
N GLY A 7 11.23 -13.38 -0.92
CA GLY A 7 11.65 -13.63 -2.29
C GLY A 7 12.54 -12.53 -2.83
N SER A 8 13.49 -12.91 -3.68
CA SER A 8 14.42 -11.95 -4.27
C SER A 8 13.70 -11.06 -5.28
N VAL A 9 12.85 -11.68 -6.10
CA VAL A 9 12.11 -10.95 -7.13
C VAL A 9 11.29 -9.82 -6.51
N GLU A 10 11.42 -8.62 -7.06
CA GLU A 10 10.69 -7.46 -6.56
C GLU A 10 9.50 -7.14 -7.45
N LYS A 11 8.40 -6.72 -6.84
CA LYS A 11 7.19 -6.38 -7.58
C LYS A 11 7.37 -5.07 -8.33
N PRO A 12 6.77 -4.99 -9.53
CA PRO A 12 6.84 -3.79 -10.37
C PRO A 12 6.06 -2.62 -9.78
N TYR A 13 4.89 -2.92 -9.23
CA TYR A 13 4.05 -1.89 -8.63
C TYR A 13 4.22 -1.85 -7.12
N LYS A 14 4.08 -0.65 -6.55
CA LYS A 14 4.22 -0.48 -5.10
C LYS A 14 3.65 0.87 -4.67
N CYS A 15 2.98 0.88 -3.53
CA CYS A 15 2.38 2.10 -3.00
C CYS A 15 3.44 2.98 -2.35
N GLU A 16 3.26 4.29 -2.45
CA GLU A 16 4.21 5.24 -1.88
C GLU A 16 3.64 5.89 -0.62
N ASP A 17 2.66 5.21 -0.01
CA ASP A 17 2.02 5.72 1.20
C ASP A 17 2.26 4.78 2.37
N CYS A 18 1.95 3.50 2.17
CA CYS A 18 2.13 2.50 3.22
C CYS A 18 3.37 1.65 2.93
N GLY A 19 3.57 1.29 1.67
CA GLY A 19 4.71 0.48 1.29
C GLY A 19 4.34 -0.95 0.99
N LYS A 20 3.33 -1.13 0.13
CA LYS A 20 2.87 -2.45 -0.24
C LYS A 20 3.15 -2.74 -1.71
N GLY A 21 3.34 -4.01 -2.04
CA GLY A 21 3.61 -4.39 -3.42
C GLY A 21 2.39 -4.96 -4.12
N TYR A 22 2.42 -4.99 -5.44
CA TYR A 22 1.32 -5.52 -6.23
C TYR A 22 1.81 -6.06 -7.57
N ASN A 23 1.29 -7.22 -7.96
CA ASN A 23 1.67 -7.84 -9.22
C ASN A 23 0.99 -7.16 -10.40
N ARG A 24 -0.27 -6.78 -10.21
CA ARG A 24 -1.04 -6.12 -11.25
C ARG A 24 -1.23 -4.64 -10.92
N ARG A 25 -1.17 -3.79 -11.94
CA ARG A 25 -1.35 -2.36 -11.76
C ARG A 25 -2.71 -2.05 -11.17
N LEU A 26 -3.76 -2.47 -11.86
CA LEU A 26 -5.13 -2.24 -11.39
C LEU A 26 -5.22 -2.35 -9.87
N ASN A 27 -4.81 -3.51 -9.36
CA ASN A 27 -4.83 -3.75 -7.92
C ASN A 27 -4.35 -2.53 -7.15
N LEU A 28 -3.24 -1.96 -7.59
CA LEU A 28 -2.66 -0.78 -6.95
C LEU A 28 -3.60 0.40 -7.05
N ASP A 29 -4.10 0.66 -8.26
CA ASP A 29 -5.01 1.77 -8.49
C ASP A 29 -6.17 1.74 -7.50
N MET A 30 -6.84 0.60 -7.41
CA MET A 30 -7.96 0.44 -6.50
C MET A 30 -7.51 0.53 -5.05
N HIS A 31 -6.32 0.00 -4.78
CA HIS A 31 -5.76 0.02 -3.43
C HIS A 31 -5.66 1.45 -2.90
N GLN A 32 -5.03 2.32 -3.68
CA GLN A 32 -4.87 3.72 -3.29
C GLN A 32 -6.09 4.21 -2.54
N ARG A 33 -7.28 3.78 -2.98
CA ARG A 33 -8.52 4.19 -2.34
C ARG A 33 -8.37 4.23 -0.83
N VAL A 34 -7.94 3.13 -0.24
CA VAL A 34 -7.75 3.03 1.20
C VAL A 34 -7.23 4.35 1.77
N HIS A 35 -6.32 4.99 1.04
CA HIS A 35 -5.75 6.26 1.47
C HIS A 35 -6.64 7.43 1.05
N MET A 36 -7.12 7.38 -0.18
CA MET A 36 -8.00 8.43 -0.70
C MET A 36 -9.28 8.54 0.13
N GLY A 37 -10.04 7.46 0.17
CA GLY A 37 -11.28 7.45 0.92
C GLY A 37 -11.05 7.66 2.41
N GLU A 38 -11.64 6.80 3.22
CA GLU A 38 -11.51 6.90 4.67
C GLU A 38 -11.05 5.56 5.26
N LYS A 39 -10.26 5.64 6.33
CA LYS A 39 -9.76 4.44 7.00
C LYS A 39 -10.38 4.29 8.38
N THR A 40 -10.27 3.09 8.95
CA THR A 40 -10.81 2.82 10.28
C THR A 40 -9.78 2.14 11.16
N SER A 41 -8.75 2.88 11.54
CA SER A 41 -7.68 2.35 12.39
C SER A 41 -7.78 2.92 13.80
N GLY A 42 -8.99 2.87 14.37
CA GLY A 42 -9.19 3.38 15.72
C GLY A 42 -8.80 4.84 15.85
N PRO A 43 -8.54 5.28 17.09
CA PRO A 43 -8.15 6.66 17.37
C PRO A 43 -6.74 6.99 16.86
N SER A 44 -6.48 8.27 16.66
CA SER A 44 -5.18 8.71 16.17
C SER A 44 -4.47 9.58 17.21
N SER A 45 -3.16 9.69 17.08
CA SER A 45 -2.36 10.48 18.00
C SER A 45 -1.91 11.79 17.36
N GLY A 46 -2.84 12.45 16.67
CA GLY A 46 -2.52 13.70 16.01
C GLY A 46 -1.58 14.56 16.83
ZN ZN B . -1.03 2.08 0.14
N GLY A 1 10.24 4.51 4.28
CA GLY A 1 10.53 3.29 5.00
C GLY A 1 11.06 3.54 6.39
N SER A 2 11.78 2.57 6.94
CA SER A 2 12.34 2.69 8.29
C SER A 2 11.27 3.13 9.28
N SER A 3 10.11 2.48 9.21
CA SER A 3 8.99 2.81 10.11
C SER A 3 8.94 1.82 11.27
N GLY A 4 9.01 0.53 10.96
CA GLY A 4 8.96 -0.48 11.99
C GLY A 4 9.62 -1.78 11.55
N SER A 5 8.93 -2.53 10.70
CA SER A 5 9.46 -3.80 10.22
C SER A 5 9.74 -3.73 8.72
N SER A 6 10.97 -4.06 8.34
CA SER A 6 11.38 -4.03 6.94
C SER A 6 10.73 -5.17 6.17
N GLY A 7 10.54 -4.96 4.87
CA GLY A 7 9.92 -5.98 4.04
C GLY A 7 10.55 -6.05 2.65
N SER A 8 10.65 -7.27 2.12
CA SER A 8 11.24 -7.47 0.80
C SER A 8 10.15 -7.53 -0.28
N VAL A 9 9.78 -6.37 -0.80
CA VAL A 9 8.75 -6.29 -1.83
C VAL A 9 9.32 -6.69 -3.19
N GLU A 10 8.91 -7.86 -3.67
CA GLU A 10 9.37 -8.37 -4.96
C GLU A 10 8.31 -8.16 -6.03
N LYS A 11 7.59 -7.05 -5.96
CA LYS A 11 6.55 -6.73 -6.93
C LYS A 11 6.96 -5.57 -7.82
N PRO A 12 6.44 -5.57 -9.05
CA PRO A 12 6.75 -4.52 -10.04
C PRO A 12 6.12 -3.18 -9.67
N TYR A 13 5.09 -3.22 -8.83
CA TYR A 13 4.40 -2.01 -8.40
C TYR A 13 4.39 -1.91 -6.87
N LYS A 14 4.33 -0.68 -6.37
CA LYS A 14 4.31 -0.45 -4.93
C LYS A 14 3.51 0.82 -4.60
N CYS A 15 2.87 0.82 -3.44
CA CYS A 15 2.07 1.96 -3.01
C CYS A 15 2.97 3.08 -2.50
N GLU A 16 2.43 4.30 -2.49
CA GLU A 16 3.18 5.46 -2.03
C GLU A 16 2.86 5.77 -0.57
N ASP A 17 1.63 5.49 -0.17
CA ASP A 17 1.19 5.73 1.21
C ASP A 17 1.94 4.83 2.18
N CYS A 18 1.71 3.52 2.05
CA CYS A 18 2.36 2.55 2.92
C CYS A 18 3.57 1.92 2.24
N GLY A 19 3.36 1.40 1.03
CA GLY A 19 4.44 0.78 0.29
C GLY A 19 4.11 -0.63 -0.15
N LYS A 20 2.84 -1.00 -0.05
CA LYS A 20 2.40 -2.33 -0.43
C LYS A 20 2.69 -2.60 -1.90
N GLY A 21 3.17 -3.80 -2.20
CA GLY A 21 3.48 -4.16 -3.56
C GLY A 21 2.46 -5.08 -4.18
N TYR A 22 2.29 -5.00 -5.49
CA TYR A 22 1.33 -5.83 -6.21
C TYR A 22 1.85 -6.23 -7.58
N ASN A 23 1.29 -7.30 -8.12
CA ASN A 23 1.71 -7.79 -9.44
C ASN A 23 1.01 -7.01 -10.54
N ARG A 24 -0.27 -6.72 -10.35
CA ARG A 24 -1.05 -5.97 -11.34
C ARG A 24 -1.06 -4.49 -11.01
N ARG A 25 -1.13 -3.66 -12.04
CA ARG A 25 -1.16 -2.21 -11.86
C ARG A 25 -2.49 -1.76 -11.26
N LEU A 26 -3.58 -2.13 -11.92
CA LEU A 26 -4.92 -1.77 -11.45
C LEU A 26 -5.08 -2.10 -9.97
N ASN A 27 -4.72 -3.33 -9.59
CA ASN A 27 -4.84 -3.76 -8.21
C ASN A 27 -4.39 -2.65 -7.25
N LEU A 28 -3.20 -2.12 -7.50
CA LEU A 28 -2.65 -1.05 -6.68
C LEU A 28 -3.51 0.21 -6.76
N ASP A 29 -3.75 0.67 -7.97
CA ASP A 29 -4.56 1.87 -8.19
C ASP A 29 -5.77 1.88 -7.27
N MET A 30 -6.40 0.71 -7.10
CA MET A 30 -7.57 0.59 -6.24
C MET A 30 -7.17 0.70 -4.77
N HIS A 31 -6.35 -0.23 -4.32
CA HIS A 31 -5.89 -0.25 -2.93
C HIS A 31 -5.53 1.15 -2.46
N GLN A 32 -4.72 1.85 -3.25
CA GLN A 32 -4.31 3.21 -2.91
C GLN A 32 -5.46 4.00 -2.31
N ARG A 33 -6.67 3.74 -2.81
CA ARG A 33 -7.86 4.43 -2.33
C ARG A 33 -7.91 4.40 -0.80
N VAL A 34 -7.66 3.23 -0.22
CA VAL A 34 -7.68 3.09 1.23
C VAL A 34 -7.15 4.34 1.93
N HIS A 35 -6.23 5.03 1.27
CA HIS A 35 -5.65 6.25 1.82
C HIS A 35 -6.37 7.48 1.30
N MET A 36 -7.69 7.46 1.35
CA MET A 36 -8.50 8.58 0.88
C MET A 36 -9.74 8.77 1.76
N GLY A 37 -10.23 10.00 1.81
CA GLY A 37 -11.41 10.30 2.62
C GLY A 37 -12.00 11.65 2.30
N GLU A 38 -13.00 12.05 3.09
CA GLU A 38 -13.66 13.34 2.88
C GLU A 38 -12.78 14.48 3.36
N LYS A 39 -11.86 14.92 2.51
CA LYS A 39 -10.95 16.01 2.85
C LYS A 39 -10.27 15.76 4.19
N THR A 40 -9.88 14.51 4.42
CA THR A 40 -9.22 14.15 5.66
C THR A 40 -8.33 15.27 6.18
N SER A 41 -8.46 15.58 7.46
CA SER A 41 -7.67 16.64 8.07
C SER A 41 -6.30 16.13 8.49
N GLY A 42 -5.29 17.01 8.42
CA GLY A 42 -3.95 16.63 8.78
C GLY A 42 -2.93 17.69 8.44
N PRO A 43 -1.65 17.39 8.66
CA PRO A 43 -0.54 18.30 8.36
C PRO A 43 -0.34 18.51 6.86
N SER A 44 -0.34 17.41 6.12
CA SER A 44 -0.15 17.47 4.68
C SER A 44 -1.36 16.91 3.94
N SER A 45 -2.36 17.75 3.72
CA SER A 45 -3.57 17.34 3.04
C SER A 45 -4.42 18.55 2.65
N GLY A 46 -5.30 18.36 1.67
CA GLY A 46 -6.16 19.44 1.23
C GLY A 46 -6.73 19.21 -0.16
ZN ZN B . -1.22 1.73 0.32
N GLY A 1 21.90 -23.05 6.59
CA GLY A 1 20.54 -22.83 6.10
C GLY A 1 20.08 -21.40 6.28
N SER A 2 19.41 -20.86 5.27
CA SER A 2 18.91 -19.49 5.34
C SER A 2 17.40 -19.46 5.38
N SER A 3 16.85 -18.76 6.37
CA SER A 3 15.40 -18.65 6.53
C SER A 3 14.87 -17.38 5.88
N GLY A 4 13.55 -17.30 5.75
CA GLY A 4 12.94 -16.14 5.14
C GLY A 4 12.22 -15.25 6.15
N SER A 5 11.84 -14.06 5.73
CA SER A 5 11.15 -13.12 6.61
C SER A 5 10.00 -12.43 5.88
N SER A 6 8.99 -12.01 6.62
CA SER A 6 7.83 -11.34 6.04
C SER A 6 8.21 -9.94 5.55
N GLY A 7 8.73 -9.87 4.33
CA GLY A 7 9.12 -8.60 3.77
C GLY A 7 9.96 -8.75 2.52
N SER A 8 10.73 -7.71 2.19
CA SER A 8 11.57 -7.73 1.00
C SER A 8 10.73 -7.69 -0.27
N VAL A 9 9.56 -7.06 -0.19
CA VAL A 9 8.67 -6.96 -1.32
C VAL A 9 9.44 -6.72 -2.61
N GLU A 10 9.30 -7.64 -3.56
CA GLU A 10 9.99 -7.54 -4.84
C GLU A 10 9.01 -7.22 -5.97
N LYS A 11 7.83 -6.74 -5.60
CA LYS A 11 6.80 -6.39 -6.57
C LYS A 11 7.18 -5.13 -7.34
N PRO A 12 6.89 -5.11 -8.65
CA PRO A 12 7.19 -3.96 -9.51
C PRO A 12 6.30 -2.76 -9.21
N TYR A 13 5.07 -3.04 -8.79
CA TYR A 13 4.12 -1.97 -8.46
C TYR A 13 4.03 -1.77 -6.95
N LYS A 14 4.84 -0.84 -6.44
CA LYS A 14 4.86 -0.54 -5.02
C LYS A 14 4.01 0.69 -4.71
N CYS A 15 3.55 0.79 -3.47
CA CYS A 15 2.72 1.92 -3.05
C CYS A 15 3.57 2.99 -2.37
N GLU A 16 3.03 4.20 -2.28
CA GLU A 16 3.73 5.31 -1.66
C GLU A 16 3.18 5.59 -0.27
N ASP A 17 1.86 5.44 -0.12
CA ASP A 17 1.21 5.68 1.17
C ASP A 17 1.78 4.77 2.24
N CYS A 18 1.65 3.47 2.05
CA CYS A 18 2.16 2.50 3.01
C CYS A 18 3.42 1.82 2.48
N GLY A 19 3.37 1.35 1.23
CA GLY A 19 4.51 0.68 0.64
C GLY A 19 4.20 -0.75 0.26
N LYS A 20 2.92 -1.05 0.07
CA LYS A 20 2.51 -2.40 -0.30
C LYS A 20 3.06 -2.79 -1.67
N GLY A 21 3.04 -4.09 -1.96
CA GLY A 21 3.54 -4.58 -3.24
C GLY A 21 2.46 -5.25 -4.06
N TYR A 22 2.56 -5.13 -5.38
CA TYR A 22 1.59 -5.74 -6.29
C TYR A 22 2.23 -6.08 -7.63
N ASN A 23 1.56 -6.92 -8.40
CA ASN A 23 2.06 -7.33 -9.70
C ASN A 23 1.22 -6.73 -10.83
N ARG A 24 -0.01 -6.36 -10.49
CA ARG A 24 -0.92 -5.76 -11.47
C ARG A 24 -1.16 -4.29 -11.17
N ARG A 25 -1.90 -3.62 -12.03
CA ARG A 25 -2.21 -2.20 -11.86
C ARG A 25 -3.50 -2.02 -11.07
N LEU A 26 -4.60 -2.51 -11.63
CA LEU A 26 -5.91 -2.40 -10.97
C LEU A 26 -5.76 -2.50 -9.46
N ASN A 27 -5.33 -3.66 -8.99
CA ASN A 27 -5.14 -3.89 -7.56
C ASN A 27 -4.48 -2.69 -6.89
N LEU A 28 -3.48 -2.12 -7.56
CA LEU A 28 -2.76 -0.96 -7.05
C LEU A 28 -3.64 0.28 -7.08
N ASP A 29 -4.02 0.69 -8.29
CA ASP A 29 -4.87 1.87 -8.46
C ASP A 29 -6.00 1.88 -7.44
N MET A 30 -6.67 0.74 -7.29
CA MET A 30 -7.78 0.63 -6.35
C MET A 30 -7.27 0.71 -4.91
N HIS A 31 -6.27 -0.09 -4.59
CA HIS A 31 -5.70 -0.11 -3.25
C HIS A 31 -5.37 1.31 -2.78
N GLN A 32 -4.66 2.06 -3.63
CA GLN A 32 -4.29 3.43 -3.30
C GLN A 32 -5.42 4.15 -2.59
N ARG A 33 -6.62 4.09 -3.17
CA ARG A 33 -7.78 4.75 -2.59
C ARG A 33 -7.90 4.43 -1.11
N VAL A 34 -7.60 3.19 -0.75
CA VAL A 34 -7.66 2.76 0.65
C VAL A 34 -7.21 3.86 1.59
N HIS A 35 -6.18 4.60 1.17
CA HIS A 35 -5.65 5.69 1.97
C HIS A 35 -6.48 6.97 1.79
N MET A 36 -6.60 7.40 0.54
CA MET A 36 -7.37 8.60 0.23
C MET A 36 -8.65 8.66 1.06
N GLY A 37 -9.31 7.52 1.20
CA GLY A 37 -10.55 7.47 1.96
C GLY A 37 -10.37 7.99 3.38
N GLU A 38 -11.34 7.71 4.24
CA GLU A 38 -11.29 8.15 5.62
C GLU A 38 -11.50 6.98 6.58
N LYS A 39 -10.55 6.78 7.48
CA LYS A 39 -10.63 5.69 8.45
C LYS A 39 -11.17 6.20 9.79
N THR A 40 -10.67 7.36 10.22
CA THR A 40 -11.10 7.95 11.47
C THR A 40 -12.56 8.38 11.41
N SER A 41 -13.10 8.79 12.56
CA SER A 41 -14.50 9.21 12.64
C SER A 41 -14.65 10.64 12.12
N GLY A 42 -14.01 11.58 12.80
CA GLY A 42 -14.09 12.97 12.40
C GLY A 42 -12.75 13.53 11.99
N PRO A 43 -12.75 14.39 10.95
CA PRO A 43 -11.53 15.02 10.43
C PRO A 43 -10.95 16.03 11.39
N SER A 44 -10.15 15.56 12.35
CA SER A 44 -9.54 16.43 13.34
C SER A 44 -10.45 17.59 13.69
N SER A 45 -11.74 17.30 13.86
CA SER A 45 -12.73 18.32 14.19
C SER A 45 -12.25 19.17 15.37
N GLY A 46 -12.84 20.34 15.51
CA GLY A 46 -12.47 21.24 16.59
C GLY A 46 -12.11 20.49 17.87
ZN ZN B . -0.86 1.68 0.06
#